data_9DFM
#
_entry.id   9DFM
#
_cell.length_a   140.744
_cell.length_b   122.358
_cell.length_c   66.474
_cell.angle_alpha   90.00
_cell.angle_beta   94.62
_cell.angle_gamma   90.00
#
_symmetry.space_group_name_H-M   'C 1 2 1'
#
loop_
_entity.id
_entity.type
_entity.pdbx_description
1 polymer PrnB
2 non-polymer 2-(1H-INDOL-3-YL)ETHANAMINE
3 non-polymer GLYCEROL
4 non-polymer 'PROTOPORPHYRIN IX CONTAINING FE'
5 water water
#
_entity_poly.entity_id   1
_entity_poly.type   'polypeptide(L)'
_entity_poly.pdbx_seq_one_letter_code
;MGSSHHHHHHSSGENLYFQGMISNEISKLDPLNLDAFFNQLPSLNQNLEVSLLIDKLREITKSYLPTTFSINDALAATRD
LGMIMSSVRKLGIQPVSAVSDLEVFLETLSEITNMVPRETSYHYGPWNPIGERERRFTHFPDERGLIEGVRIAIPGIELA
IREINQLSNLSLNDPAFESLAKSAALHVYQAVDGIGETIKKTDPYVFSHELRPFFDPIRIGGKSYIGAGGGQIPLFVVDV
KLWLGNHSPNSEYVSFIKDSVFYLPPELRPICVDSLLEPSVINQKFAEFGSVEITDQVIKGMESLLSVIQVLLKFRKPHF
QLAQRTLSKENRGNYTTGSAGYTNSFNHMVLEFTIEVEKQIRAVLAPYRS
;
_entity_poly.pdbx_strand_id   A,B
#
# COMPACT_ATOMS: atom_id res chain seq x y z
N ILE A 22 -28.45 -22.34 14.40
CA ILE A 22 -27.31 -21.61 14.96
C ILE A 22 -27.24 -20.19 14.39
N SER A 23 -27.30 -20.06 13.06
CA SER A 23 -27.02 -18.78 12.42
C SER A 23 -28.16 -17.77 12.64
N ASN A 24 -29.42 -18.22 12.58
CA ASN A 24 -30.53 -17.28 12.78
C ASN A 24 -30.53 -16.73 14.21
N GLU A 25 -29.98 -17.48 15.16
CA GLU A 25 -29.86 -16.99 16.54
C GLU A 25 -28.75 -15.95 16.67
N ILE A 26 -27.73 -16.02 15.83
CA ILE A 26 -26.71 -14.98 15.85
C ILE A 26 -27.09 -13.82 14.95
N SER A 27 -27.65 -14.09 13.77
CA SER A 27 -27.96 -13.01 12.84
C SER A 27 -28.99 -12.04 13.42
N LYS A 28 -29.84 -12.49 14.32
CA LYS A 28 -30.86 -11.64 14.92
C LYS A 28 -30.32 -10.72 16.03
N LEU A 29 -29.08 -10.93 16.47
CA LEU A 29 -28.56 -10.20 17.61
C LEU A 29 -27.96 -8.87 17.19
N ASP A 30 -28.10 -7.87 18.06
CA ASP A 30 -27.42 -6.58 17.93
C ASP A 30 -26.82 -6.22 19.28
N PRO A 31 -25.80 -6.95 19.71
CA PRO A 31 -25.30 -6.78 21.08
C PRO A 31 -24.63 -5.45 21.36
N LEU A 32 -24.11 -4.79 20.33
CA LEU A 32 -23.43 -3.51 20.49
C LEU A 32 -24.28 -2.33 20.02
N ASN A 33 -25.59 -2.55 19.85
CA ASN A 33 -26.55 -1.53 19.41
C ASN A 33 -26.00 -0.72 18.22
N LEU A 34 -25.63 -1.44 17.17
CA LEU A 34 -25.02 -0.87 15.98
C LEU A 34 -25.93 -0.94 14.76
N ASP A 35 -27.21 -1.26 14.95
CA ASP A 35 -28.15 -1.35 13.84
C ASP A 35 -28.26 -0.03 13.08
N ALA A 36 -28.48 1.07 13.81
CA ALA A 36 -28.58 2.36 13.13
C ALA A 36 -27.23 2.78 12.56
N PHE A 37 -26.14 2.43 13.25
CA PHE A 37 -24.83 2.73 12.72
C PHE A 37 -24.57 1.97 11.42
N PHE A 38 -25.05 0.72 11.31
CA PHE A 38 -24.74 0.01 10.06
C PHE A 38 -25.57 0.49 8.86
N ASN A 39 -26.67 1.24 9.08
CA ASN A 39 -27.34 1.84 7.94
C ASN A 39 -26.65 3.09 7.45
N GLN A 40 -25.74 3.68 8.25
CA GLN A 40 -24.87 4.78 7.81
C GLN A 40 -23.50 4.32 7.33
N LEU A 41 -23.06 3.11 7.68
CA LEU A 41 -21.69 2.71 7.35
C LEU A 41 -21.34 2.82 5.87
N PRO A 42 -22.20 2.44 4.91
CA PRO A 42 -21.78 2.60 3.50
C PRO A 42 -21.55 4.03 3.10
N SER A 43 -22.30 4.97 3.66
CA SER A 43 -22.07 6.39 3.40
C SER A 43 -20.84 6.91 4.15
N LEU A 44 -20.64 6.50 5.41
CA LEU A 44 -19.39 6.77 6.11
C LEU A 44 -18.19 6.27 5.31
N ASN A 45 -18.27 5.06 4.77
CA ASN A 45 -17.16 4.53 3.99
C ASN A 45 -17.00 5.27 2.67
N GLN A 46 -18.11 5.64 2.04
CA GLN A 46 -18.03 6.32 0.75
C GLN A 46 -17.34 7.68 0.88
N ASN A 47 -17.61 8.42 1.97
CA ASN A 47 -17.04 9.74 2.21
C ASN A 47 -15.77 9.72 3.05
N LEU A 48 -15.17 8.55 3.27
CA LEU A 48 -13.93 8.37 4.04
C LEU A 48 -14.01 9.06 5.42
N GLU A 49 -15.08 8.79 6.16
CA GLU A 49 -15.23 9.47 7.43
C GLU A 49 -14.62 8.62 8.54
N VAL A 50 -13.29 8.56 8.50
CA VAL A 50 -12.53 7.74 9.44
C VAL A 50 -12.75 8.16 10.89
N SER A 51 -13.00 9.45 11.13
CA SER A 51 -13.16 9.92 12.53
C SER A 51 -14.38 9.29 13.19
N LEU A 52 -15.42 9.04 12.42
CA LEU A 52 -16.62 8.42 12.97
C LEU A 52 -16.43 6.92 13.19
N LEU A 53 -15.62 6.27 12.35
CA LEU A 53 -15.24 4.88 12.57
C LEU A 53 -14.43 4.74 13.86
N ILE A 54 -13.38 5.56 14.01
CA ILE A 54 -12.53 5.49 15.21
C ILE A 54 -13.35 5.82 16.44
N ASP A 55 -14.23 6.83 16.34
CA ASP A 55 -15.05 7.19 17.49
C ASP A 55 -15.99 6.05 17.88
N LYS A 56 -16.53 5.32 16.90
CA LYS A 56 -17.42 4.21 17.21
C LYS A 56 -16.65 3.07 17.90
N LEU A 57 -15.42 2.81 17.44
CA LEU A 57 -14.57 1.83 18.11
C LEU A 57 -14.26 2.24 19.55
N ARG A 58 -14.00 3.54 19.77
CA ARG A 58 -13.70 4.02 21.13
C ARG A 58 -14.93 3.91 22.04
N GLU A 59 -16.11 4.31 21.54
CA GLU A 59 -17.35 4.18 22.29
C GLU A 59 -17.61 2.73 22.69
N ILE A 60 -17.26 1.78 21.83
CA ILE A 60 -17.58 0.38 22.11
C ILE A 60 -16.73 -0.13 23.27
N THR A 61 -15.42 0.15 23.25
CA THR A 61 -14.57 -0.35 24.32
C THR A 61 -14.96 0.24 25.67
N LYS A 62 -15.60 1.40 25.68
CA LYS A 62 -16.00 2.06 26.93
C LYS A 62 -17.44 1.77 27.32
N SER A 63 -18.27 1.35 26.38
CA SER A 63 -19.67 1.16 26.68
C SER A 63 -20.01 -0.27 27.11
N TYR A 64 -19.11 -1.24 26.93
CA TYR A 64 -19.48 -2.65 27.02
C TYR A 64 -18.46 -3.46 27.81
N LEU A 65 -18.96 -4.37 28.61
CA LEU A 65 -18.14 -5.33 29.35
C LEU A 65 -18.23 -6.66 28.63
N PRO A 66 -17.32 -6.95 27.70
CA PRO A 66 -17.45 -8.17 26.90
C PRO A 66 -17.38 -9.46 27.73
N THR A 67 -16.79 -9.43 28.94
CA THR A 67 -16.81 -10.67 29.72
C THR A 67 -18.23 -11.07 30.07
N THR A 68 -19.16 -10.12 30.07
CA THR A 68 -20.55 -10.42 30.41
C THR A 68 -21.32 -11.05 29.25
N PHE A 69 -20.66 -11.31 28.11
CA PHE A 69 -21.36 -11.74 26.90
C PHE A 69 -21.54 -13.26 26.86
N SER A 70 -22.73 -13.70 26.43
CA SER A 70 -22.94 -15.08 26.04
C SER A 70 -22.18 -15.39 24.75
N ILE A 71 -22.09 -16.66 24.41
CA ILE A 71 -21.35 -17.04 23.20
C ILE A 71 -22.00 -16.41 21.98
N ASN A 72 -23.33 -16.47 21.88
CA ASN A 72 -24.01 -15.92 20.71
C ASN A 72 -23.77 -14.42 20.58
N ASP A 73 -23.84 -13.68 21.69
CA ASP A 73 -23.55 -12.25 21.66
C ASP A 73 -22.11 -11.98 21.22
N ALA A 74 -21.16 -12.74 21.74
CA ALA A 74 -19.76 -12.54 21.36
C ALA A 74 -19.53 -12.84 19.89
N LEU A 75 -20.26 -13.80 19.31
CA LEU A 75 -20.10 -14.07 17.88
C LEU A 75 -20.66 -12.92 17.05
N ALA A 76 -21.85 -12.43 17.39
CA ALA A 76 -22.41 -11.30 16.68
C ALA A 76 -21.58 -10.03 16.90
N ALA A 77 -21.03 -9.86 18.11
CA ALA A 77 -20.18 -8.69 18.40
C ALA A 77 -18.91 -8.71 17.57
N THR A 78 -18.31 -9.89 17.42
CA THR A 78 -17.16 -10.03 16.54
C THR A 78 -17.52 -9.69 15.09
N ARG A 79 -18.71 -10.14 14.64
CA ARG A 79 -19.18 -9.77 13.32
C ARG A 79 -19.22 -8.25 13.16
N ASP A 80 -19.83 -7.55 14.12
CA ASP A 80 -20.05 -6.13 13.94
C ASP A 80 -18.77 -5.33 14.17
N LEU A 81 -18.06 -5.61 15.26
CA LEU A 81 -16.80 -4.93 15.51
C LEU A 81 -15.78 -5.22 14.39
N GLY A 82 -15.72 -6.47 13.93
CA GLY A 82 -14.80 -6.80 12.85
C GLY A 82 -15.05 -5.96 11.61
N MET A 83 -16.32 -5.68 11.32
CA MET A 83 -16.60 -4.96 10.08
C MET A 83 -16.24 -3.48 10.21
N ILE A 84 -16.39 -2.90 11.40
CA ILE A 84 -15.89 -1.55 11.59
C ILE A 84 -14.37 -1.54 11.54
N MET A 85 -13.73 -2.54 12.15
CA MET A 85 -12.27 -2.65 12.03
C MET A 85 -11.83 -2.76 10.58
N SER A 86 -12.56 -3.52 9.75
CA SER A 86 -12.11 -3.70 8.37
C SER A 86 -12.28 -2.41 7.56
N SER A 87 -13.31 -1.62 7.89
CA SER A 87 -13.50 -0.32 7.27
C SER A 87 -12.36 0.63 7.60
N VAL A 88 -11.81 0.55 8.82
CA VAL A 88 -10.68 1.39 9.17
C VAL A 88 -9.41 0.89 8.48
N ARG A 89 -9.21 -0.42 8.47
CA ARG A 89 -8.07 -1.01 7.78
C ARG A 89 -8.15 -0.75 6.28
N LYS A 90 -9.37 -0.63 5.75
CA LYS A 90 -9.53 -0.28 4.34
C LYS A 90 -8.75 0.99 3.99
N LEU A 91 -8.77 1.96 4.89
CA LEU A 91 -8.10 3.24 4.63
C LEU A 91 -6.58 3.16 4.75
N GLY A 92 -6.04 2.06 5.25
CA GLY A 92 -4.61 1.93 5.49
C GLY A 92 -4.20 2.01 6.94
N ILE A 93 -5.14 2.17 7.88
CA ILE A 93 -4.82 2.33 9.30
C ILE A 93 -5.03 1.01 10.02
N GLN A 94 -4.03 0.58 10.77
CA GLN A 94 -4.23 -0.58 11.63
C GLN A 94 -5.16 -0.18 12.78
N PRO A 95 -6.37 -0.72 12.87
CA PRO A 95 -7.35 -0.17 13.83
C PRO A 95 -7.01 -0.46 15.29
N VAL A 96 -6.32 -1.55 15.58
CA VAL A 96 -5.94 -1.82 16.96
C VAL A 96 -4.72 -1.01 17.37
N SER A 97 -3.84 -0.65 16.42
CA SER A 97 -2.80 0.34 16.73
C SER A 97 -3.36 1.74 16.95
N ALA A 98 -4.54 2.06 16.42
CA ALA A 98 -5.11 3.39 16.58
C ALA A 98 -6.06 3.50 17.77
N VAL A 99 -6.64 2.40 18.19
CA VAL A 99 -7.57 2.32 19.31
C VAL A 99 -7.04 1.20 20.18
N SER A 100 -6.01 1.50 20.97
CA SER A 100 -5.25 0.43 21.60
C SER A 100 -6.08 -0.35 22.62
N ASP A 101 -7.18 0.22 23.13
CA ASP A 101 -8.06 -0.50 24.04
C ASP A 101 -8.83 -1.62 23.33
N LEU A 102 -8.89 -1.60 21.99
CA LEU A 102 -9.51 -2.69 21.25
C LEU A 102 -8.88 -4.03 21.57
N GLU A 103 -7.59 -4.03 21.93
CA GLU A 103 -6.87 -5.29 22.03
C GLU A 103 -7.41 -6.16 23.15
N VAL A 104 -7.59 -5.61 24.35
CA VAL A 104 -8.11 -6.45 25.42
C VAL A 104 -9.58 -6.76 25.18
N PHE A 105 -10.29 -5.87 24.47
CA PHE A 105 -11.67 -6.12 24.12
C PHE A 105 -11.78 -7.33 23.18
N LEU A 106 -10.93 -7.40 22.16
CA LEU A 106 -10.98 -8.53 21.23
C LEU A 106 -10.40 -9.78 21.85
N GLU A 107 -9.33 -9.65 22.63
CA GLU A 107 -8.85 -10.70 23.51
C GLU A 107 -10.01 -11.35 24.27
N THR A 108 -10.78 -10.53 24.99
CA THR A 108 -11.90 -11.03 25.79
C THR A 108 -12.96 -11.70 24.93
N LEU A 109 -13.25 -11.13 23.75
CA LEU A 109 -14.26 -11.75 22.90
C LEU A 109 -13.81 -13.10 22.37
N SER A 110 -12.52 -13.23 22.04
CA SER A 110 -12.10 -14.49 21.44
C SER A 110 -11.92 -15.58 22.49
N GLU A 111 -11.78 -15.21 23.76
CA GLU A 111 -11.82 -16.21 24.83
C GLU A 111 -13.20 -16.82 24.94
N ILE A 112 -14.24 -16.05 24.61
CA ILE A 112 -15.61 -16.56 24.69
C ILE A 112 -15.98 -17.36 23.45
N THR A 113 -15.60 -16.87 22.26
CA THR A 113 -15.92 -17.58 21.03
C THR A 113 -14.98 -18.75 20.74
N ASN A 114 -13.82 -18.82 21.39
CA ASN A 114 -12.70 -19.68 20.97
C ASN A 114 -12.49 -19.59 19.45
N MET A 115 -12.57 -18.37 18.92
CA MET A 115 -12.40 -18.09 17.49
C MET A 115 -11.44 -16.90 17.36
N VAL A 116 -10.96 -16.64 16.14
CA VAL A 116 -10.04 -15.53 15.90
C VAL A 116 -10.74 -14.24 16.28
N PRO A 117 -10.00 -13.16 16.71
CA PRO A 117 -10.60 -11.87 17.09
C PRO A 117 -10.96 -10.97 15.90
N ARG A 118 -11.72 -11.52 14.96
CA ARG A 118 -11.91 -10.85 13.68
C ARG A 118 -13.06 -11.56 12.98
N GLU A 119 -13.73 -10.85 12.08
CA GLU A 119 -14.84 -11.49 11.36
C GLU A 119 -14.28 -12.37 10.24
N THR A 120 -15.01 -13.45 9.96
CA THR A 120 -14.75 -14.33 8.83
C THR A 120 -16.01 -14.41 7.98
N SER A 121 -15.94 -15.23 6.93
CA SER A 121 -17.11 -15.43 6.07
C SER A 121 -18.32 -15.96 6.83
N TYR A 122 -18.12 -16.66 7.96
CA TYR A 122 -19.27 -17.05 8.76
C TYR A 122 -20.04 -15.83 9.24
N HIS A 123 -19.33 -14.82 9.76
CA HIS A 123 -19.97 -13.61 10.26
C HIS A 123 -20.55 -12.76 9.12
N TYR A 124 -19.91 -12.80 7.95
CA TYR A 124 -20.32 -11.99 6.81
C TYR A 124 -21.47 -12.64 6.03
N GLY A 125 -21.65 -13.96 6.16
CA GLY A 125 -22.66 -14.69 5.41
C GLY A 125 -23.80 -15.19 6.27
N PRO A 126 -23.70 -16.44 6.78
CA PRO A 126 -24.83 -17.03 7.53
C PRO A 126 -25.17 -16.30 8.81
N TRP A 127 -24.20 -15.65 9.47
CA TRP A 127 -24.47 -14.94 10.71
C TRP A 127 -24.87 -13.48 10.47
N ASN A 128 -24.96 -13.07 9.23
CA ASN A 128 -25.24 -11.70 8.84
C ASN A 128 -26.71 -11.62 8.49
N PRO A 129 -27.51 -10.79 9.17
CA PRO A 129 -28.97 -10.88 8.99
C PRO A 129 -29.44 -10.51 7.59
N ILE A 130 -30.56 -11.08 7.23
CA ILE A 130 -31.20 -10.85 5.94
C ILE A 130 -32.02 -9.59 6.03
N GLY A 131 -31.99 -8.80 4.96
CA GLY A 131 -32.93 -7.69 4.85
C GLY A 131 -32.33 -6.38 5.29
N GLU A 132 -33.12 -5.60 6.03
CA GLU A 132 -32.71 -4.23 6.33
C GLU A 132 -31.55 -4.18 7.32
N ARG A 133 -31.42 -5.19 8.19
CA ARG A 133 -30.33 -5.21 9.15
C ARG A 133 -29.01 -5.75 8.57
N GLU A 134 -29.01 -6.21 7.32
CA GLU A 134 -27.80 -6.74 6.71
C GLU A 134 -26.63 -5.76 6.81
N ARG A 135 -25.50 -6.26 7.32
CA ARG A 135 -24.27 -5.47 7.43
C ARG A 135 -23.52 -5.49 6.11
N ARG A 136 -23.28 -4.30 5.54
CA ARG A 136 -22.55 -4.16 4.28
C ARG A 136 -21.50 -3.07 4.43
N PHE A 137 -20.38 -3.26 3.74
CA PHE A 137 -19.32 -2.26 3.69
C PHE A 137 -19.71 -1.07 2.82
N THR A 138 -20.42 -1.32 1.72
CA THR A 138 -20.65 -0.32 0.68
C THR A 138 -22.12 -0.30 0.29
N HIS A 139 -22.46 0.67 -0.58
CA HIS A 139 -23.78 0.80 -1.20
CA HIS A 139 -23.80 0.72 -1.16
C HIS A 139 -23.88 0.03 -2.51
N PHE A 140 -22.76 -0.52 -3.01
CA PHE A 140 -22.75 -1.19 -4.31
C PHE A 140 -23.58 -2.47 -4.27
N PRO A 141 -24.49 -2.70 -5.22
CA PRO A 141 -25.25 -3.95 -5.22
C PRO A 141 -24.38 -5.17 -5.45
N ASP A 142 -23.23 -5.00 -6.11
CA ASP A 142 -22.28 -6.10 -6.27
C ASP A 142 -21.87 -6.76 -4.95
N GLU A 143 -21.95 -6.01 -3.83
CA GLU A 143 -21.55 -6.58 -2.55
C GLU A 143 -22.55 -7.62 -2.09
N ARG A 144 -23.82 -7.46 -2.47
CA ARG A 144 -24.81 -8.49 -2.20
C ARG A 144 -24.41 -9.84 -2.79
N GLY A 145 -23.63 -9.84 -3.87
CA GLY A 145 -23.25 -11.10 -4.51
C GLY A 145 -22.23 -11.91 -3.73
N LEU A 146 -21.35 -11.22 -3.01
CA LEU A 146 -20.43 -11.90 -2.12
C LEU A 146 -21.16 -12.42 -0.89
N ILE A 147 -22.00 -11.58 -0.28
CA ILE A 147 -22.67 -11.94 0.96
C ILE A 147 -23.59 -13.14 0.73
N GLU A 148 -24.46 -13.06 -0.29
CA GLU A 148 -25.38 -14.17 -0.55
C GLU A 148 -24.64 -15.42 -0.95
N GLY A 149 -23.48 -15.27 -1.61
CA GLY A 149 -22.72 -16.43 -2.01
C GLY A 149 -22.31 -17.30 -0.84
N VAL A 150 -21.67 -16.71 0.18
CA VAL A 150 -21.22 -17.51 1.32
C VAL A 150 -22.36 -17.80 2.28
N ARG A 151 -23.38 -16.93 2.32
CA ARG A 151 -24.55 -17.24 3.15
C ARG A 151 -25.26 -18.48 2.63
N ILE A 152 -25.27 -18.70 1.32
CA ILE A 152 -25.88 -19.90 0.77
C ILE A 152 -24.95 -21.10 0.92
N ALA A 153 -23.67 -20.91 0.61
CA ALA A 153 -22.76 -22.07 0.52
C ALA A 153 -22.54 -22.75 1.86
N ILE A 154 -22.43 -21.98 2.95
CA ILE A 154 -21.86 -22.51 4.19
C ILE A 154 -22.77 -23.54 4.85
N PRO A 155 -24.07 -23.29 5.05
CA PRO A 155 -24.90 -24.35 5.66
C PRO A 155 -24.93 -25.63 4.84
N GLY A 156 -24.99 -25.51 3.52
CA GLY A 156 -24.95 -26.69 2.68
C GLY A 156 -23.67 -27.48 2.82
N ILE A 157 -22.53 -26.79 2.89
CA ILE A 157 -21.26 -27.51 3.03
C ILE A 157 -21.18 -28.19 4.40
N GLU A 158 -21.70 -27.52 5.44
CA GLU A 158 -21.70 -28.10 6.77
C GLU A 158 -22.54 -29.37 6.81
N LEU A 159 -23.67 -29.37 6.11
CA LEU A 159 -24.45 -30.60 6.02
C LEU A 159 -23.68 -31.69 5.30
N ALA A 160 -23.03 -31.36 4.18
CA ALA A 160 -22.26 -32.36 3.46
C ALA A 160 -21.10 -32.87 4.30
N ILE A 161 -20.53 -32.03 5.18
CA ILE A 161 -19.40 -32.44 6.00
C ILE A 161 -19.81 -33.60 6.91
N ARG A 162 -20.96 -33.46 7.57
CA ARG A 162 -21.43 -34.49 8.50
C ARG A 162 -21.83 -35.75 7.75
N GLU A 163 -22.41 -35.60 6.56
CA GLU A 163 -22.82 -36.76 5.80
C GLU A 163 -21.60 -37.50 5.26
N ILE A 164 -20.64 -36.77 4.69
CA ILE A 164 -19.44 -37.40 4.16
C ILE A 164 -18.63 -38.06 5.27
N ASN A 165 -18.63 -37.48 6.48
CA ASN A 165 -17.91 -38.07 7.59
C ASN A 165 -18.45 -39.46 7.95
N GLN A 166 -19.74 -39.70 7.68
CA GLN A 166 -20.43 -40.95 7.98
C GLN A 166 -20.12 -42.05 6.97
N LEU A 167 -19.43 -41.74 5.87
CA LEU A 167 -19.18 -42.72 4.82
C LEU A 167 -18.02 -43.65 5.17
N SER A 168 -17.07 -43.18 5.99
CA SER A 168 -15.99 -44.03 6.44
C SER A 168 -16.50 -45.29 7.13
N ASN A 169 -17.74 -45.27 7.62
CA ASN A 169 -18.27 -46.33 8.47
C ASN A 169 -19.41 -47.10 7.80
N LEU A 170 -19.55 -46.99 6.48
CA LEU A 170 -20.55 -47.73 5.73
C LEU A 170 -19.87 -48.46 4.58
N SER A 171 -20.52 -49.53 4.11
CA SER A 171 -19.99 -50.33 3.02
C SER A 171 -20.51 -49.86 1.67
N LEU A 172 -19.64 -49.94 0.66
CA LEU A 172 -20.05 -49.64 -0.71
C LEU A 172 -21.32 -50.38 -1.10
N ASN A 173 -21.50 -51.62 -0.59
CA ASN A 173 -22.65 -52.45 -0.91
C ASN A 173 -23.88 -52.10 -0.08
N ASP A 174 -23.71 -51.35 0.99
CA ASP A 174 -24.86 -50.89 1.77
C ASP A 174 -25.54 -49.75 1.03
N PRO A 175 -26.85 -49.84 0.75
CA PRO A 175 -27.54 -48.71 0.10
C PRO A 175 -27.50 -47.43 0.90
N ALA A 176 -27.30 -47.51 2.22
CA ALA A 176 -27.20 -46.30 3.03
C ALA A 176 -25.98 -45.47 2.65
N PHE A 177 -24.96 -46.11 2.09
CA PHE A 177 -23.82 -45.37 1.57
C PHE A 177 -24.23 -44.49 0.41
N GLU A 178 -24.83 -45.09 -0.61
CA GLU A 178 -25.24 -44.34 -1.81
C GLU A 178 -26.16 -43.18 -1.44
N SER A 179 -27.15 -43.42 -0.59
CA SER A 179 -28.11 -42.35 -0.31
C SER A 179 -27.48 -41.22 0.49
N LEU A 180 -26.51 -41.53 1.36
CA LEU A 180 -25.84 -40.51 2.15
C LEU A 180 -24.93 -39.66 1.26
N ALA A 181 -24.21 -40.30 0.34
CA ALA A 181 -23.37 -39.59 -0.61
C ALA A 181 -24.18 -38.76 -1.59
N LYS A 182 -25.40 -39.22 -1.91
CA LYS A 182 -26.31 -38.40 -2.71
C LYS A 182 -26.78 -37.18 -1.94
N SER A 183 -27.09 -37.35 -0.65
CA SER A 183 -27.46 -36.22 0.20
C SER A 183 -26.31 -35.21 0.26
N ALA A 184 -25.06 -35.69 0.33
CA ALA A 184 -23.92 -34.79 0.36
C ALA A 184 -23.77 -34.02 -0.96
N ALA A 185 -23.83 -34.73 -2.10
CA ALA A 185 -23.77 -34.04 -3.39
C ALA A 185 -24.84 -32.95 -3.49
N LEU A 186 -26.07 -33.27 -3.09
CA LEU A 186 -27.14 -32.27 -3.14
C LEU A 186 -26.83 -31.09 -2.23
N HIS A 187 -26.24 -31.34 -1.07
CA HIS A 187 -25.89 -30.24 -0.17
C HIS A 187 -24.69 -29.43 -0.67
N VAL A 188 -23.72 -30.09 -1.30
CA VAL A 188 -22.60 -29.36 -1.90
C VAL A 188 -23.10 -28.44 -3.01
N TYR A 189 -24.23 -28.79 -3.65
CA TYR A 189 -24.76 -27.95 -4.73
C TYR A 189 -25.05 -26.53 -4.24
N GLN A 190 -25.35 -26.38 -2.95
CA GLN A 190 -25.55 -25.04 -2.39
C GLN A 190 -24.35 -24.13 -2.64
N ALA A 191 -23.14 -24.72 -2.67
CA ALA A 191 -21.96 -23.96 -3.07
C ALA A 191 -22.04 -23.54 -4.53
N VAL A 192 -22.60 -24.39 -5.40
CA VAL A 192 -22.81 -23.99 -6.78
C VAL A 192 -23.83 -22.86 -6.84
N ASP A 193 -24.96 -23.02 -6.13
CA ASP A 193 -25.95 -21.95 -6.11
C ASP A 193 -25.36 -20.66 -5.58
N GLY A 194 -24.41 -20.78 -4.64
CA GLY A 194 -23.84 -19.58 -4.04
C GLY A 194 -22.89 -18.87 -4.96
N ILE A 195 -22.04 -19.61 -5.66
CA ILE A 195 -21.11 -18.93 -6.56
C ILE A 195 -21.84 -18.39 -7.78
N GLY A 196 -22.93 -19.03 -8.20
CA GLY A 196 -23.72 -18.51 -9.29
C GLY A 196 -24.42 -17.21 -8.94
N GLU A 197 -24.79 -17.03 -7.66
CA GLU A 197 -25.32 -15.74 -7.23
C GLU A 197 -24.24 -14.65 -7.30
N THR A 198 -23.00 -15.00 -6.97
CA THR A 198 -21.94 -14.01 -7.09
C THR A 198 -21.70 -13.65 -8.55
N ILE A 199 -21.60 -14.67 -9.41
CA ILE A 199 -21.28 -14.42 -10.81
C ILE A 199 -22.32 -13.54 -11.47
N LYS A 200 -23.57 -13.68 -11.09
CA LYS A 200 -24.61 -12.86 -11.69
C LYS A 200 -24.82 -11.52 -10.99
N LYS A 201 -24.23 -11.27 -9.81
CA LYS A 201 -24.44 -10.01 -9.11
C LYS A 201 -23.20 -9.16 -8.91
N THR A 202 -22.00 -9.68 -9.09
CA THR A 202 -20.81 -8.96 -8.70
C THR A 202 -19.96 -8.74 -9.94
N ASP A 203 -19.82 -7.47 -10.33
CA ASP A 203 -18.97 -7.13 -11.46
C ASP A 203 -17.52 -7.28 -11.04
N PRO A 204 -16.69 -7.96 -11.84
CA PRO A 204 -15.29 -8.15 -11.44
C PRO A 204 -14.55 -6.86 -11.17
N TYR A 205 -14.79 -5.82 -11.98
CA TYR A 205 -14.08 -4.56 -11.82
C TYR A 205 -14.53 -3.82 -10.56
N VAL A 206 -15.84 -3.74 -10.34
CA VAL A 206 -16.35 -3.20 -9.08
C VAL A 206 -15.76 -3.98 -7.90
N PHE A 207 -15.71 -5.32 -7.98
CA PHE A 207 -15.16 -6.09 -6.87
C PHE A 207 -13.75 -5.61 -6.51
N SER A 208 -12.83 -5.69 -7.48
CA SER A 208 -11.43 -5.36 -7.21
C SER A 208 -11.27 -3.92 -6.74
N HIS A 209 -12.08 -3.02 -7.25
CA HIS A 209 -11.85 -1.60 -6.97
C HIS A 209 -12.61 -1.11 -5.75
N GLU A 210 -13.78 -1.67 -5.48
CA GLU A 210 -14.67 -1.14 -4.47
C GLU A 210 -14.81 -2.02 -3.22
N LEU A 211 -14.68 -3.35 -3.35
CA LEU A 211 -15.01 -4.27 -2.28
C LEU A 211 -13.80 -4.97 -1.69
N ARG A 212 -12.96 -5.54 -2.53
CA ARG A 212 -11.72 -6.21 -2.15
C ARG A 212 -10.90 -5.48 -1.07
N PRO A 213 -10.78 -4.14 -1.10
CA PRO A 213 -9.98 -3.49 -0.04
C PRO A 213 -10.54 -3.63 1.37
N PHE A 214 -11.80 -4.03 1.53
CA PHE A 214 -12.36 -4.21 2.86
C PHE A 214 -11.98 -5.54 3.49
N PHE A 215 -11.11 -6.33 2.87
CA PHE A 215 -10.79 -7.67 3.31
C PHE A 215 -9.30 -7.85 3.49
N ASP A 216 -8.61 -6.82 4.01
CA ASP A 216 -7.17 -6.85 4.19
C ASP A 216 -6.81 -7.26 5.61
N PRO A 217 -5.59 -7.74 5.81
CA PRO A 217 -5.21 -8.28 7.13
C PRO A 217 -5.18 -7.23 8.23
N ILE A 218 -5.46 -7.67 9.45
CA ILE A 218 -5.47 -6.77 10.61
C ILE A 218 -4.58 -7.35 11.70
N ARG A 219 -3.70 -6.50 12.26
CA ARG A 219 -2.77 -6.93 13.29
C ARG A 219 -3.41 -6.79 14.67
N ILE A 220 -3.46 -7.90 15.41
CA ILE A 220 -4.15 -7.96 16.70
C ILE A 220 -3.26 -8.78 17.62
N GLY A 221 -2.74 -8.15 18.66
CA GLY A 221 -1.86 -8.82 19.61
C GLY A 221 -0.66 -9.50 18.98
N GLY A 222 0.10 -8.78 18.16
CA GLY A 222 1.30 -9.33 17.58
C GLY A 222 1.11 -10.33 16.46
N LYS A 223 -0.13 -10.61 16.03
CA LYS A 223 -0.38 -11.51 14.93
C LYS A 223 -1.27 -10.85 13.89
N SER A 224 -1.08 -11.24 12.64
CA SER A 224 -1.86 -10.73 11.52
C SER A 224 -2.99 -11.70 11.21
N TYR A 225 -4.21 -11.18 11.05
CA TYR A 225 -5.38 -12.00 10.72
C TYR A 225 -5.96 -11.56 9.39
N ILE A 226 -5.98 -12.48 8.42
CA ILE A 226 -6.55 -12.16 7.13
C ILE A 226 -8.04 -11.83 7.27
N GLY A 227 -8.55 -11.12 6.27
CA GLY A 227 -9.94 -10.72 6.29
C GLY A 227 -10.82 -11.85 5.79
N ALA A 228 -12.13 -11.62 5.84
CA ALA A 228 -13.07 -12.65 5.40
C ALA A 228 -12.82 -12.96 3.92
N GLY A 229 -12.98 -14.23 3.60
CA GLY A 229 -12.59 -14.73 2.30
C GLY A 229 -13.47 -15.90 1.98
N GLY A 230 -13.77 -16.05 0.68
CA GLY A 230 -14.61 -17.16 0.25
C GLY A 230 -14.03 -18.51 0.62
N GLY A 231 -12.70 -18.64 0.57
CA GLY A 231 -12.01 -19.86 0.96
C GLY A 231 -12.23 -20.27 2.40
N GLN A 232 -12.80 -19.41 3.23
CA GLN A 232 -13.15 -19.76 4.59
C GLN A 232 -14.46 -20.53 4.69
N ILE A 233 -15.25 -20.66 3.61
CA ILE A 233 -16.30 -21.67 3.67
C ILE A 233 -15.63 -23.03 3.80
N PRO A 234 -16.18 -23.97 4.59
CA PRO A 234 -15.43 -25.19 4.92
C PRO A 234 -15.31 -26.21 3.79
N LEU A 235 -15.34 -25.75 2.53
CA LEU A 235 -15.18 -26.68 1.43
C LEU A 235 -13.89 -27.48 1.56
N PHE A 236 -12.81 -26.85 2.06
CA PHE A 236 -11.56 -27.60 2.22
C PHE A 236 -11.72 -28.75 3.21
N VAL A 237 -12.67 -28.64 4.15
CA VAL A 237 -12.90 -29.75 5.07
C VAL A 237 -13.55 -30.91 4.32
N VAL A 238 -14.50 -30.62 3.42
CA VAL A 238 -15.03 -31.65 2.53
C VAL A 238 -13.89 -32.35 1.81
N ASP A 239 -12.97 -31.57 1.23
CA ASP A 239 -11.88 -32.12 0.44
C ASP A 239 -11.03 -33.09 1.28
N VAL A 240 -10.64 -32.67 2.49
CA VAL A 240 -9.66 -33.45 3.26
C VAL A 240 -10.25 -34.80 3.62
N LYS A 241 -11.50 -34.81 4.10
CA LYS A 241 -12.17 -36.06 4.42
C LYS A 241 -12.41 -36.88 3.15
N LEU A 242 -12.76 -36.22 2.05
CA LEU A 242 -13.27 -36.94 0.89
C LEU A 242 -12.15 -37.49 0.01
N TRP A 243 -11.12 -36.67 -0.33
CA TRP A 243 -10.09 -37.15 -1.24
C TRP A 243 -8.65 -36.82 -0.85
N LEU A 244 -8.36 -35.75 -0.13
CA LEU A 244 -6.96 -35.40 0.13
C LEU A 244 -6.36 -36.23 1.27
N GLY A 245 -7.08 -36.36 2.39
CA GLY A 245 -6.62 -37.19 3.49
C GLY A 245 -5.23 -36.82 3.97
N ASN A 246 -4.37 -37.83 4.13
CA ASN A 246 -2.97 -37.64 4.49
C ASN A 246 -2.04 -38.04 3.36
N HIS A 247 -2.42 -37.76 2.11
CA HIS A 247 -1.74 -38.30 0.93
C HIS A 247 -0.80 -37.34 0.24
N SER A 248 -0.80 -36.05 0.59
CA SER A 248 0.07 -35.06 -0.05
C SER A 248 0.63 -34.10 0.98
N PRO A 249 1.48 -34.61 1.89
CA PRO A 249 1.89 -33.81 3.07
C PRO A 249 2.48 -32.44 2.77
N ASN A 250 3.26 -32.29 1.71
CA ASN A 250 3.97 -31.04 1.51
C ASN A 250 3.29 -30.13 0.49
N SER A 251 2.04 -30.42 0.11
CA SER A 251 1.31 -29.59 -0.84
C SER A 251 1.11 -28.17 -0.30
N GLU A 252 0.94 -27.24 -1.24
CA GLU A 252 0.51 -25.88 -0.90
C GLU A 252 -0.92 -25.88 -0.39
N TYR A 253 -1.75 -26.82 -0.85
CA TYR A 253 -3.11 -26.93 -0.34
C TYR A 253 -3.12 -27.32 1.14
N VAL A 254 -2.25 -28.26 1.55
CA VAL A 254 -2.18 -28.64 2.98
C VAL A 254 -1.65 -27.47 3.81
N SER A 255 -0.83 -26.60 3.20
CA SER A 255 -0.35 -25.43 3.90
C SER A 255 -1.49 -24.43 4.12
N PHE A 256 -2.37 -24.26 3.12
CA PHE A 256 -3.51 -23.37 3.24
C PHE A 256 -4.53 -23.90 4.24
N ILE A 257 -4.74 -25.22 4.24
CA ILE A 257 -5.65 -25.84 5.20
C ILE A 257 -5.10 -25.68 6.60
N LYS A 258 -3.79 -25.95 6.75
CA LYS A 258 -3.14 -25.77 8.04
C LYS A 258 -3.32 -24.33 8.56
N ASP A 259 -3.17 -23.34 7.67
CA ASP A 259 -3.39 -21.95 8.05
C ASP A 259 -4.85 -21.64 8.34
N SER A 260 -5.79 -22.50 7.93
CA SER A 260 -7.22 -22.22 8.02
C SER A 260 -7.92 -22.88 9.19
N VAL A 261 -7.34 -23.95 9.76
CA VAL A 261 -8.02 -24.77 10.75
C VAL A 261 -8.61 -23.91 11.87
N PHE A 262 -7.80 -23.03 12.43
CA PHE A 262 -8.24 -22.30 13.61
C PHE A 262 -9.03 -21.05 13.27
N TYR A 263 -9.32 -20.82 11.98
CA TYR A 263 -10.33 -19.85 11.61
C TYR A 263 -11.72 -20.47 11.65
N LEU A 264 -11.82 -21.78 11.39
CA LEU A 264 -13.11 -22.46 11.45
C LEU A 264 -13.75 -22.30 12.81
N PRO A 265 -15.08 -22.30 12.88
CA PRO A 265 -15.79 -22.55 14.14
C PRO A 265 -15.16 -23.74 14.86
N PRO A 266 -15.08 -23.71 16.19
CA PRO A 266 -14.42 -24.81 16.91
C PRO A 266 -15.07 -26.15 16.65
N GLU A 267 -16.39 -26.16 16.46
CA GLU A 267 -17.15 -27.38 16.15
C GLU A 267 -16.55 -28.15 14.95
N LEU A 268 -15.91 -27.46 14.00
CA LEU A 268 -15.40 -28.12 12.79
C LEU A 268 -13.94 -28.55 12.88
N ARG A 269 -13.18 -28.08 13.88
CA ARG A 269 -11.74 -28.35 13.93
C ARG A 269 -11.37 -29.83 14.09
N PRO A 270 -11.99 -30.61 14.99
CA PRO A 270 -11.56 -32.03 15.12
C PRO A 270 -11.76 -32.85 13.86
N ILE A 271 -12.89 -32.69 13.16
CA ILE A 271 -13.10 -33.33 11.87
C ILE A 271 -11.96 -33.01 10.91
N CYS A 272 -11.53 -31.74 10.89
CA CYS A 272 -10.46 -31.36 9.97
C CYS A 272 -9.14 -31.97 10.39
N VAL A 273 -8.81 -31.92 11.67
CA VAL A 273 -7.54 -32.48 12.12
C VAL A 273 -7.53 -34.00 11.97
N ASP A 274 -8.60 -34.68 12.38
CA ASP A 274 -8.65 -36.12 12.18
C ASP A 274 -8.46 -36.49 10.71
N SER A 275 -9.12 -35.78 9.81
CA SER A 275 -9.08 -36.12 8.39
C SER A 275 -7.71 -35.85 7.78
N LEU A 276 -7.01 -34.81 8.24
CA LEU A 276 -5.65 -34.56 7.76
C LEU A 276 -4.67 -35.64 8.17
N LEU A 277 -5.07 -36.52 9.09
CA LEU A 277 -4.17 -37.51 9.67
C LEU A 277 -4.64 -38.94 9.38
N GLU A 278 -5.66 -39.11 8.54
CA GLU A 278 -6.24 -40.39 8.22
C GLU A 278 -6.30 -40.51 6.70
N PRO A 279 -6.39 -41.74 6.18
CA PRO A 279 -6.66 -41.90 4.74
C PRO A 279 -8.04 -41.36 4.39
N SER A 280 -8.15 -40.80 3.18
CA SER A 280 -9.41 -40.24 2.72
C SER A 280 -10.45 -41.33 2.45
N VAL A 281 -11.72 -40.91 2.39
CA VAL A 281 -12.80 -41.83 2.08
C VAL A 281 -12.54 -42.53 0.74
N ILE A 282 -12.18 -41.77 -0.28
CA ILE A 282 -12.06 -42.34 -1.62
C ILE A 282 -10.87 -43.29 -1.70
N ASN A 283 -9.76 -42.94 -1.05
CA ASN A 283 -8.60 -43.84 -1.00
C ASN A 283 -8.99 -45.17 -0.35
N GLN A 284 -9.69 -45.12 0.77
CA GLN A 284 -10.10 -46.33 1.47
C GLN A 284 -11.26 -47.04 0.79
N LYS A 285 -12.05 -46.33 -0.03
CA LYS A 285 -13.09 -46.96 -0.83
C LYS A 285 -12.56 -47.52 -2.13
N PHE A 286 -11.44 -47.00 -2.64
CA PHE A 286 -10.75 -47.68 -3.74
C PHE A 286 -10.23 -49.04 -3.30
N ALA A 287 -9.83 -49.17 -2.03
CA ALA A 287 -9.36 -50.45 -1.51
C ALA A 287 -10.51 -51.44 -1.39
N GLU A 288 -11.59 -51.02 -0.74
CA GLU A 288 -12.77 -51.87 -0.61
C GLU A 288 -13.28 -52.34 -1.97
N PHE A 289 -13.20 -51.46 -2.99
CA PHE A 289 -13.75 -51.79 -4.30
C PHE A 289 -12.98 -52.94 -4.94
N GLY A 290 -11.65 -52.83 -5.01
CA GLY A 290 -10.83 -53.92 -5.52
C GLY A 290 -10.52 -54.98 -4.48
N SER A 291 -11.49 -55.32 -3.63
CA SER A 291 -11.27 -56.31 -2.58
C SER A 291 -12.53 -57.07 -2.22
N VAL A 292 -13.70 -56.51 -2.54
CA VAL A 292 -14.97 -57.15 -2.21
C VAL A 292 -15.68 -57.54 -3.50
N GLU A 293 -16.72 -58.36 -3.34
CA GLU A 293 -17.56 -58.73 -4.46
C GLU A 293 -18.28 -57.49 -4.99
N ILE A 294 -17.99 -57.15 -6.26
CA ILE A 294 -18.45 -55.92 -6.88
C ILE A 294 -19.88 -56.14 -7.38
N THR A 295 -20.87 -55.74 -6.59
CA THR A 295 -22.26 -55.90 -6.94
C THR A 295 -22.81 -54.65 -7.64
N ASP A 296 -24.13 -54.62 -7.86
CA ASP A 296 -24.74 -53.47 -8.52
C ASP A 296 -24.84 -52.29 -7.56
N GLN A 297 -25.12 -52.55 -6.29
CA GLN A 297 -25.16 -51.48 -5.31
C GLN A 297 -23.77 -50.94 -5.01
N VAL A 298 -22.75 -51.78 -5.14
CA VAL A 298 -21.36 -51.36 -4.93
C VAL A 298 -20.97 -50.31 -5.96
N ILE A 299 -21.37 -50.53 -7.22
CA ILE A 299 -21.08 -49.59 -8.29
C ILE A 299 -21.89 -48.32 -8.11
N LYS A 300 -23.15 -48.45 -7.66
CA LYS A 300 -23.92 -47.28 -7.26
C LYS A 300 -23.20 -46.51 -6.16
N GLY A 301 -22.58 -47.23 -5.21
CA GLY A 301 -21.84 -46.58 -4.15
C GLY A 301 -20.61 -45.84 -4.66
N MET A 302 -19.84 -46.49 -5.54
CA MET A 302 -18.67 -45.84 -6.15
C MET A 302 -19.09 -44.68 -7.04
N GLU A 303 -20.29 -44.74 -7.61
CA GLU A 303 -20.78 -43.64 -8.44
C GLU A 303 -21.35 -42.49 -7.62
N SER A 304 -21.79 -42.76 -6.39
CA SER A 304 -22.20 -41.65 -5.54
C SER A 304 -21.02 -40.82 -5.08
N LEU A 305 -19.81 -41.39 -5.05
CA LEU A 305 -18.62 -40.60 -4.76
C LEU A 305 -18.24 -39.73 -5.95
N LEU A 306 -18.34 -40.30 -7.16
CA LEU A 306 -18.07 -39.54 -8.37
C LEU A 306 -19.03 -38.36 -8.51
N SER A 307 -20.32 -38.58 -8.23
CA SER A 307 -21.29 -37.50 -8.24
C SER A 307 -20.88 -36.35 -7.32
N VAL A 308 -20.41 -36.66 -6.11
CA VAL A 308 -20.03 -35.59 -5.19
C VAL A 308 -18.87 -34.80 -5.76
N ILE A 309 -17.85 -35.51 -6.26
CA ILE A 309 -16.70 -34.86 -6.87
C ILE A 309 -17.14 -33.97 -8.02
N GLN A 310 -18.10 -34.42 -8.82
CA GLN A 310 -18.55 -33.61 -9.95
C GLN A 310 -19.28 -32.35 -9.50
N VAL A 311 -19.89 -32.37 -8.32
CA VAL A 311 -20.53 -31.16 -7.80
C VAL A 311 -19.47 -30.13 -7.38
N LEU A 312 -18.36 -30.58 -6.78
CA LEU A 312 -17.28 -29.64 -6.48
C LEU A 312 -16.72 -29.00 -7.73
N LEU A 313 -16.72 -29.74 -8.85
CA LEU A 313 -16.28 -29.18 -10.12
C LEU A 313 -17.27 -28.15 -10.63
N LYS A 314 -18.56 -28.40 -10.46
CA LYS A 314 -19.53 -27.39 -10.84
C LYS A 314 -19.35 -26.12 -10.05
N PHE A 315 -18.74 -26.20 -8.86
CA PHE A 315 -18.39 -24.97 -8.15
C PHE A 315 -17.04 -24.43 -8.63
N ARG A 316 -16.05 -25.29 -8.75
CA ARG A 316 -14.68 -24.79 -8.92
C ARG A 316 -14.41 -24.28 -10.33
N LYS A 317 -15.07 -24.84 -11.36
CA LYS A 317 -14.80 -24.36 -12.71
C LYS A 317 -15.27 -22.92 -12.91
N PRO A 318 -16.53 -22.57 -12.64
CA PRO A 318 -16.92 -21.16 -12.80
C PRO A 318 -16.25 -20.25 -11.78
N HIS A 319 -15.95 -20.74 -10.57
CA HIS A 319 -15.21 -19.92 -9.61
C HIS A 319 -13.88 -19.49 -10.16
N PHE A 320 -13.19 -20.42 -10.84
CA PHE A 320 -11.91 -20.11 -11.45
C PHE A 320 -12.04 -19.03 -12.51
N GLN A 321 -13.11 -19.10 -13.33
CA GLN A 321 -13.33 -18.10 -14.38
C GLN A 321 -13.59 -16.73 -13.77
N LEU A 322 -14.39 -16.70 -12.70
CA LEU A 322 -14.66 -15.44 -12.01
C LEU A 322 -13.38 -14.81 -11.50
N ALA A 323 -12.57 -15.56 -10.75
CA ALA A 323 -11.33 -15.01 -10.20
C ALA A 323 -10.36 -14.62 -11.30
N GLN A 324 -10.36 -15.35 -12.42
CA GLN A 324 -9.51 -14.97 -13.55
C GLN A 324 -9.94 -13.63 -14.15
N ARG A 325 -11.25 -13.39 -14.27
CA ARG A 325 -11.73 -12.15 -14.86
C ARG A 325 -11.42 -10.93 -13.98
N THR A 326 -11.55 -11.07 -12.64
CA THR A 326 -11.33 -9.92 -11.78
C THR A 326 -9.87 -9.67 -11.46
N LEU A 327 -9.01 -10.68 -11.64
CA LEU A 327 -7.56 -10.54 -11.48
C LEU A 327 -6.85 -10.30 -12.80
N SER A 328 -7.58 -10.03 -13.87
CA SER A 328 -6.95 -9.70 -15.13
C SER A 328 -6.37 -8.30 -15.04
N LYS A 329 -5.34 -8.04 -15.88
CA LYS A 329 -4.74 -6.72 -15.92
C LYS A 329 -5.79 -5.63 -16.08
N GLU A 330 -6.88 -5.92 -16.78
CA GLU A 330 -7.96 -4.96 -16.99
C GLU A 330 -8.72 -4.66 -15.70
N ASN A 331 -9.07 -5.69 -14.91
CA ASN A 331 -10.04 -5.49 -13.83
C ASN A 331 -9.47 -5.51 -12.41
N ARG A 332 -8.18 -5.78 -12.22
CA ARG A 332 -7.66 -6.21 -10.92
C ARG A 332 -7.44 -5.09 -9.90
N GLY A 333 -7.34 -3.82 -10.34
CA GLY A 333 -7.08 -2.75 -9.38
C GLY A 333 -5.71 -2.90 -8.75
N ASN A 334 -5.66 -2.70 -7.43
CA ASN A 334 -4.40 -2.64 -6.72
C ASN A 334 -3.96 -4.01 -6.18
N TYR A 335 -4.67 -5.08 -6.51
CA TYR A 335 -4.41 -6.39 -5.92
C TYR A 335 -4.07 -7.42 -6.99
N THR A 336 -3.22 -8.39 -6.61
CA THR A 336 -3.00 -9.58 -7.41
C THR A 336 -3.44 -10.86 -6.68
N THR A 337 -4.03 -10.74 -5.50
CA THR A 337 -4.31 -11.88 -4.65
C THR A 337 -5.69 -11.75 -4.05
N GLY A 338 -6.24 -12.87 -3.56
CA GLY A 338 -7.40 -12.83 -2.72
C GLY A 338 -7.03 -12.45 -1.30
N SER A 339 -8.06 -12.29 -0.46
CA SER A 339 -7.81 -11.94 0.94
C SER A 339 -6.91 -12.94 1.65
N ALA A 340 -6.79 -14.16 1.17
CA ALA A 340 -5.88 -15.11 1.81
C ALA A 340 -4.46 -15.04 1.27
N GLY A 341 -4.20 -14.20 0.27
CA GLY A 341 -2.85 -13.94 -0.21
C GLY A 341 -2.37 -14.77 -1.38
N TYR A 342 -3.26 -15.48 -2.07
CA TYR A 342 -2.93 -16.36 -3.17
C TYR A 342 -3.41 -15.77 -4.50
N THR A 343 -2.77 -16.20 -5.59
CA THR A 343 -3.27 -15.85 -6.92
C THR A 343 -4.22 -16.94 -7.40
N ASN A 344 -4.72 -16.78 -8.63
CA ASN A 344 -5.60 -17.79 -9.20
C ASN A 344 -4.88 -19.10 -9.48
N SER A 345 -3.55 -19.14 -9.40
CA SER A 345 -2.82 -20.41 -9.54
C SER A 345 -3.17 -21.37 -8.41
N PHE A 346 -3.42 -20.84 -7.21
CA PHE A 346 -3.89 -21.69 -6.12
C PHE A 346 -5.23 -22.31 -6.48
N ASN A 347 -6.14 -21.52 -7.05
CA ASN A 347 -7.43 -22.03 -7.49
C ASN A 347 -7.26 -23.07 -8.59
N HIS A 348 -6.39 -22.79 -9.55
CA HIS A 348 -6.09 -23.79 -10.57
C HIS A 348 -5.58 -25.08 -9.95
N MET A 349 -4.76 -24.97 -8.90
CA MET A 349 -4.17 -26.15 -8.26
C MET A 349 -5.24 -27.01 -7.57
N VAL A 350 -6.15 -26.39 -6.82
CA VAL A 350 -7.23 -27.16 -6.21
C VAL A 350 -8.12 -27.77 -7.29
N LEU A 351 -8.36 -27.03 -8.38
CA LEU A 351 -9.22 -27.54 -9.44
C LEU A 351 -8.58 -28.73 -10.17
N GLU A 352 -7.27 -28.66 -10.42
CA GLU A 352 -6.60 -29.79 -11.05
C GLU A 352 -6.61 -31.04 -10.15
N PHE A 353 -6.38 -30.86 -8.84
CA PHE A 353 -6.54 -31.93 -7.87
C PHE A 353 -7.89 -32.63 -8.00
N THR A 354 -8.97 -31.83 -8.06
CA THR A 354 -10.30 -32.39 -8.11
C THR A 354 -10.56 -33.11 -9.43
N ILE A 355 -10.03 -32.57 -10.53
CA ILE A 355 -10.16 -33.23 -11.82
C ILE A 355 -9.41 -34.56 -11.82
N GLU A 356 -8.19 -34.57 -11.28
CA GLU A 356 -7.43 -35.81 -11.16
C GLU A 356 -8.21 -36.87 -10.40
N VAL A 357 -9.05 -36.47 -9.44
CA VAL A 357 -9.78 -37.47 -8.66
C VAL A 357 -10.98 -37.99 -9.46
N GLU A 358 -11.67 -37.10 -10.19
CA GLU A 358 -12.71 -37.57 -11.10
C GLU A 358 -12.16 -38.58 -12.09
N LYS A 359 -11.00 -38.27 -12.67
CA LYS A 359 -10.34 -39.19 -13.59
C LYS A 359 -10.01 -40.51 -12.92
N GLN A 360 -9.58 -40.47 -11.66
CA GLN A 360 -9.24 -41.70 -10.93
C GLN A 360 -10.48 -42.57 -10.72
N ILE A 361 -11.58 -41.99 -10.24
CA ILE A 361 -12.78 -42.79 -10.03
C ILE A 361 -13.30 -43.34 -11.37
N ARG A 362 -13.25 -42.51 -12.42
CA ARG A 362 -13.75 -42.96 -13.72
C ARG A 362 -13.00 -44.19 -14.24
N ALA A 363 -11.70 -44.30 -13.93
CA ALA A 363 -10.93 -45.46 -14.38
C ALA A 363 -11.29 -46.70 -13.57
N VAL A 364 -11.48 -46.54 -12.26
CA VAL A 364 -11.88 -47.66 -11.40
C VAL A 364 -13.23 -48.22 -11.83
N LEU A 365 -14.11 -47.35 -12.35
CA LEU A 365 -15.44 -47.72 -12.79
C LEU A 365 -15.51 -48.15 -14.25
N ALA A 366 -14.43 -47.93 -15.02
CA ALA A 366 -14.47 -48.15 -16.47
C ALA A 366 -14.87 -49.57 -16.85
N PRO A 367 -14.30 -50.64 -16.28
CA PRO A 367 -14.71 -52.00 -16.69
C PRO A 367 -16.17 -52.29 -16.41
N TYR A 368 -16.85 -51.47 -15.63
CA TYR A 368 -18.21 -51.77 -15.19
C TYR A 368 -19.20 -50.80 -15.80
N ILE B 22 12.82 34.34 -0.48
CA ILE B 22 13.87 34.55 0.52
C ILE B 22 13.48 33.88 1.84
N SER B 23 14.36 33.00 2.32
CA SER B 23 14.01 32.07 3.37
C SER B 23 13.71 32.75 4.70
N ASN B 24 14.42 33.85 5.01
CA ASN B 24 14.28 34.50 6.31
C ASN B 24 12.85 34.96 6.54
N GLU B 25 12.26 35.61 5.52
CA GLU B 25 10.91 36.17 5.62
C GLU B 25 9.81 35.10 5.62
N ILE B 26 10.07 33.93 5.06
CA ILE B 26 9.02 32.91 5.01
C ILE B 26 9.05 32.04 6.27
N SER B 27 10.25 31.68 6.74
CA SER B 27 10.40 30.81 7.89
C SER B 27 9.81 31.42 9.16
N LYS B 28 9.76 32.74 9.27
CA LYS B 28 9.30 33.39 10.50
C LYS B 28 7.79 33.50 10.59
N LEU B 29 7.06 33.18 9.52
CA LEU B 29 5.62 33.37 9.48
C LEU B 29 4.88 32.16 10.00
N ASP B 30 3.72 32.42 10.59
CA ASP B 30 2.76 31.42 11.02
C ASP B 30 1.37 31.84 10.55
N PRO B 31 1.14 31.83 9.24
CA PRO B 31 -0.11 32.42 8.71
C PRO B 31 -1.39 31.73 9.15
N LEU B 32 -1.34 30.43 9.47
CA LEU B 32 -2.53 29.69 9.88
C LEU B 32 -2.54 29.39 11.38
N ASN B 33 -1.73 30.12 12.15
CA ASN B 33 -1.60 29.97 13.60
C ASN B 33 -1.44 28.50 14.02
N LEU B 34 -0.48 27.81 13.40
CA LEU B 34 -0.25 26.40 13.62
C LEU B 34 0.96 26.10 14.49
N ASP B 35 1.59 27.12 15.09
CA ASP B 35 2.81 26.90 15.85
C ASP B 35 2.60 25.89 16.98
N ALA B 36 1.58 26.12 17.81
CA ALA B 36 1.28 25.21 18.91
C ALA B 36 0.83 23.85 18.40
N PHE B 37 0.19 23.82 17.22
CA PHE B 37 -0.17 22.53 16.65
C PHE B 37 1.07 21.74 16.27
N PHE B 38 2.11 22.42 15.78
CA PHE B 38 3.30 21.73 15.31
C PHE B 38 4.22 21.29 16.45
N ASN B 39 4.06 21.85 17.65
CA ASN B 39 4.70 21.24 18.80
C ASN B 39 4.11 19.86 19.10
N GLN B 40 2.82 19.67 18.76
CA GLN B 40 2.10 18.43 19.04
C GLN B 40 2.10 17.46 17.87
N LEU B 41 2.42 17.90 16.66
CA LEU B 41 2.37 17.01 15.49
C LEU B 41 3.14 15.71 15.68
N PRO B 42 4.40 15.71 16.14
CA PRO B 42 5.13 14.43 16.25
C PRO B 42 4.44 13.41 17.13
N SER B 43 3.81 13.88 18.21
CA SER B 43 3.05 12.99 19.07
C SER B 43 1.76 12.53 18.40
N LEU B 44 1.05 13.44 17.72
CA LEU B 44 -0.14 13.05 16.96
C LEU B 44 0.22 11.97 15.93
N ASN B 45 1.34 12.12 15.23
CA ASN B 45 1.73 11.11 14.25
C ASN B 45 2.16 9.81 14.93
N GLN B 46 2.82 9.90 16.08
CA GLN B 46 3.24 8.69 16.79
C GLN B 46 2.04 7.83 17.17
N ASN B 47 0.96 8.46 17.65
CA ASN B 47 -0.20 7.76 18.16
C ASN B 47 -1.31 7.58 17.12
N LEU B 48 -1.00 7.84 15.84
CA LEU B 48 -1.94 7.68 14.72
C LEU B 48 -3.23 8.49 14.90
N GLU B 49 -3.11 9.72 15.37
CA GLU B 49 -4.30 10.48 15.71
C GLU B 49 -4.81 11.23 14.48
N VAL B 50 -5.37 10.43 13.57
CA VAL B 50 -5.85 10.94 12.30
C VAL B 50 -7.00 11.92 12.48
N SER B 51 -7.86 11.69 13.48
CA SER B 51 -9.00 12.58 13.74
C SER B 51 -8.54 14.01 14.02
N LEU B 52 -7.44 14.16 14.76
CA LEU B 52 -6.95 15.49 15.04
C LEU B 52 -6.34 16.13 13.80
N LEU B 53 -5.77 15.32 12.90
CA LEU B 53 -5.26 15.83 11.63
C LEU B 53 -6.41 16.28 10.74
N ILE B 54 -7.43 15.43 10.59
CA ILE B 54 -8.56 15.79 9.75
C ILE B 54 -9.21 17.06 10.26
N ASP B 55 -9.38 17.19 11.58
CA ASP B 55 -10.07 18.36 12.10
C ASP B 55 -9.25 19.63 11.91
N LYS B 56 -7.93 19.53 11.97
CA LYS B 56 -7.11 20.70 11.64
C LYS B 56 -7.29 21.10 10.16
N LEU B 57 -7.38 20.12 9.28
CA LEU B 57 -7.56 20.42 7.86
C LEU B 57 -8.93 21.07 7.60
N ARG B 58 -9.97 20.56 8.25
CA ARG B 58 -11.30 21.16 8.16
C ARG B 58 -11.33 22.56 8.77
N GLU B 59 -10.74 22.73 9.98
CA GLU B 59 -10.68 24.06 10.58
C GLU B 59 -10.04 25.07 9.63
N ILE B 60 -8.94 24.67 8.98
CA ILE B 60 -8.18 25.61 8.16
C ILE B 60 -9.01 26.08 6.98
N THR B 61 -9.68 25.14 6.28
CA THR B 61 -10.48 25.50 5.11
C THR B 61 -11.64 26.39 5.51
N LYS B 62 -12.17 26.22 6.72
CA LYS B 62 -13.31 26.99 7.18
C LYS B 62 -12.92 28.36 7.75
N SER B 63 -11.69 28.50 8.23
CA SER B 63 -11.30 29.69 8.97
C SER B 63 -10.56 30.72 8.12
N TYR B 64 -9.94 30.31 7.02
CA TYR B 64 -9.07 31.19 6.25
C TYR B 64 -9.57 31.30 4.82
N LEU B 65 -9.44 32.53 4.29
CA LEU B 65 -9.66 32.82 2.88
C LEU B 65 -8.30 33.16 2.29
N PRO B 66 -7.61 32.21 1.66
CA PRO B 66 -6.23 32.47 1.22
C PRO B 66 -6.10 33.68 0.33
N THR B 67 -7.20 34.14 -0.26
CA THR B 67 -7.17 35.34 -1.07
C THR B 67 -6.59 36.53 -0.30
N THR B 68 -6.65 36.51 1.03
CA THR B 68 -6.13 37.59 1.85
C THR B 68 -4.62 37.46 2.09
N PHE B 69 -3.96 36.43 1.53
CA PHE B 69 -2.56 36.17 1.86
C PHE B 69 -1.62 36.93 0.93
N SER B 70 -0.58 37.51 1.51
CA SER B 70 0.58 37.94 0.75
C SER B 70 1.30 36.71 0.18
N ILE B 71 2.23 36.93 -0.77
CA ILE B 71 2.95 35.81 -1.36
C ILE B 71 3.71 35.01 -0.28
N ASN B 72 4.43 35.71 0.61
CA ASN B 72 5.18 35.00 1.65
C ASN B 72 4.24 34.19 2.54
N ASP B 73 3.16 34.83 3.00
CA ASP B 73 2.09 34.13 3.74
C ASP B 73 1.66 32.86 3.04
N ALA B 74 1.43 32.94 1.72
CA ALA B 74 0.97 31.78 0.97
C ALA B 74 2.06 30.72 0.81
N LEU B 75 3.34 31.13 0.78
CA LEU B 75 4.39 30.10 0.75
C LEU B 75 4.46 29.37 2.08
N ALA B 76 4.46 30.14 3.18
CA ALA B 76 4.48 29.53 4.50
C ALA B 76 3.21 28.73 4.76
N ALA B 77 2.08 29.13 4.17
CA ALA B 77 0.86 28.38 4.36
C ALA B 77 0.90 27.07 3.60
N THR B 78 1.60 27.03 2.47
CA THR B 78 1.74 25.79 1.73
C THR B 78 2.64 24.82 2.51
N ARG B 79 3.67 25.36 3.16
CA ARG B 79 4.57 24.55 3.96
C ARG B 79 3.81 23.85 5.08
N ASP B 80 2.98 24.60 5.83
CA ASP B 80 2.32 24.05 7.01
C ASP B 80 1.16 23.14 6.62
N LEU B 81 0.26 23.62 5.76
CA LEU B 81 -0.82 22.76 5.29
C LEU B 81 -0.28 21.55 4.54
N GLY B 82 0.78 21.72 3.77
CA GLY B 82 1.36 20.58 3.07
C GLY B 82 1.82 19.50 4.04
N MET B 83 2.37 19.89 5.16
CA MET B 83 2.92 18.91 6.07
C MET B 83 1.81 18.23 6.88
N ILE B 84 0.72 18.92 7.19
CA ILE B 84 -0.44 18.20 7.71
C ILE B 84 -1.01 17.25 6.66
N MET B 85 -1.09 17.69 5.40
CA MET B 85 -1.58 16.80 4.36
C MET B 85 -0.69 15.56 4.24
N SER B 86 0.63 15.73 4.37
CA SER B 86 1.51 14.56 4.21
C SER B 86 1.37 13.60 5.38
N SER B 87 1.09 14.13 6.59
CA SER B 87 0.83 13.31 7.76
C SER B 87 -0.43 12.47 7.56
N VAL B 88 -1.44 13.01 6.87
CA VAL B 88 -2.66 12.27 6.61
C VAL B 88 -2.42 11.20 5.54
N ARG B 89 -1.81 11.62 4.42
CA ARG B 89 -1.44 10.67 3.38
C ARG B 89 -0.57 9.55 3.93
N LYS B 90 0.26 9.85 4.94
CA LYS B 90 1.13 8.84 5.52
C LYS B 90 0.33 7.61 5.98
N LEU B 91 -0.84 7.85 6.59
CA LEU B 91 -1.71 6.77 7.06
C LEU B 91 -2.36 5.97 5.93
N GLY B 92 -2.43 6.52 4.72
CA GLY B 92 -3.06 5.87 3.59
C GLY B 92 -4.27 6.61 3.03
N ILE B 93 -4.68 7.72 3.64
CA ILE B 93 -5.86 8.49 3.22
C ILE B 93 -5.42 9.58 2.27
N GLN B 94 -6.05 9.66 1.11
CA GLN B 94 -5.86 10.82 0.25
C GLN B 94 -6.51 12.04 0.91
N PRO B 95 -5.73 13.05 1.35
CA PRO B 95 -6.31 14.09 2.23
C PRO B 95 -7.28 15.03 1.53
N VAL B 96 -7.16 15.22 0.21
CA VAL B 96 -8.13 16.06 -0.46
C VAL B 96 -9.41 15.28 -0.73
N SER B 97 -9.32 13.95 -0.84
CA SER B 97 -10.53 13.13 -0.90
C SER B 97 -11.31 13.14 0.42
N ALA B 98 -10.63 13.28 1.56
CA ALA B 98 -11.31 13.21 2.84
C ALA B 98 -11.91 14.55 3.24
N VAL B 99 -11.23 15.64 2.90
CA VAL B 99 -11.66 17.00 3.23
C VAL B 99 -11.79 17.71 1.89
N SER B 100 -12.98 17.60 1.28
CA SER B 100 -13.09 17.98 -0.13
C SER B 100 -12.97 19.49 -0.34
N ASP B 101 -13.17 20.31 0.71
CA ASP B 101 -12.95 21.74 0.60
C ASP B 101 -11.48 22.11 0.40
N LEU B 102 -10.54 21.20 0.71
CA LEU B 102 -9.13 21.49 0.49
C LEU B 102 -8.84 21.80 -0.97
N GLU B 103 -9.60 21.22 -1.89
CA GLU B 103 -9.30 21.36 -3.30
C GLU B 103 -9.32 22.83 -3.73
N VAL B 104 -10.37 23.56 -3.31
CA VAL B 104 -10.51 24.96 -3.72
C VAL B 104 -9.50 25.83 -2.97
N PHE B 105 -9.27 25.50 -1.70
CA PHE B 105 -8.28 26.21 -0.89
C PHE B 105 -6.88 26.07 -1.50
N LEU B 106 -6.48 24.85 -1.86
CA LEU B 106 -5.13 24.66 -2.42
C LEU B 106 -5.04 25.25 -3.81
N GLU B 107 -6.14 25.23 -4.55
CA GLU B 107 -6.22 25.91 -5.83
C GLU B 107 -5.97 27.40 -5.67
N THR B 108 -6.64 28.02 -4.68
CA THR B 108 -6.44 29.44 -4.44
C THR B 108 -5.03 29.73 -3.93
N LEU B 109 -4.47 28.84 -3.11
CA LEU B 109 -3.11 29.05 -2.64
C LEU B 109 -2.08 28.97 -3.77
N SER B 110 -2.27 28.04 -4.70
CA SER B 110 -1.26 27.88 -5.74
C SER B 110 -1.37 28.97 -6.81
N GLU B 111 -2.54 29.60 -6.94
CA GLU B 111 -2.67 30.79 -7.77
C GLU B 111 -1.84 31.94 -7.22
N ILE B 112 -1.66 32.00 -5.90
CA ILE B 112 -0.87 33.08 -5.33
C ILE B 112 0.62 32.76 -5.42
N THR B 113 1.00 31.54 -5.03
CA THR B 113 2.41 31.16 -5.01
C THR B 113 2.95 30.91 -6.41
N ASN B 114 2.09 30.68 -7.39
CA ASN B 114 2.51 30.18 -8.69
C ASN B 114 3.40 28.93 -8.54
N MET B 115 3.16 28.14 -7.49
CA MET B 115 3.82 26.86 -7.27
C MET B 115 2.78 25.75 -7.12
N VAL B 116 3.27 24.52 -7.02
CA VAL B 116 2.42 23.34 -6.84
C VAL B 116 1.71 23.46 -5.51
N PRO B 117 0.48 22.95 -5.37
CA PRO B 117 -0.26 23.03 -4.10
C PRO B 117 0.25 22.03 -3.08
N ARG B 118 1.55 21.97 -2.90
CA ARG B 118 2.11 21.02 -1.97
C ARG B 118 3.47 21.55 -1.50
N GLU B 119 3.93 21.06 -0.38
CA GLU B 119 5.26 21.44 0.09
C GLU B 119 6.34 20.68 -0.67
N THR B 120 7.49 21.32 -0.84
CA THR B 120 8.68 20.72 -1.42
C THR B 120 9.81 20.88 -0.42
N SER B 121 11.00 20.42 -0.83
CA SER B 121 12.18 20.58 0.01
C SER B 121 12.50 22.04 0.32
N TYR B 122 12.04 22.99 -0.51
CA TYR B 122 12.18 24.41 -0.14
C TYR B 122 11.40 24.73 1.12
N HIS B 123 10.15 24.26 1.21
CA HIS B 123 9.35 24.49 2.40
C HIS B 123 9.87 23.72 3.61
N TYR B 124 10.41 22.53 3.37
CA TYR B 124 10.89 21.65 4.44
C TYR B 124 12.25 22.07 4.99
N GLY B 125 13.05 22.82 4.23
CA GLY B 125 14.39 23.18 4.64
C GLY B 125 14.57 24.67 4.81
N PRO B 126 14.90 25.38 3.71
CA PRO B 126 15.20 26.82 3.84
C PRO B 126 14.05 27.66 4.37
N TRP B 127 12.79 27.33 4.04
CA TRP B 127 11.63 28.06 4.54
C TRP B 127 11.07 27.49 5.85
N ASN B 128 11.75 26.51 6.43
CA ASN B 128 11.34 25.89 7.69
C ASN B 128 12.16 26.53 8.80
N PRO B 129 11.55 27.20 9.79
CA PRO B 129 12.34 27.91 10.80
C PRO B 129 13.27 26.97 11.57
N ILE B 130 14.35 27.53 12.07
CA ILE B 130 15.26 26.82 12.95
C ILE B 130 14.77 27.00 14.38
N GLY B 131 14.99 25.99 15.21
CA GLY B 131 14.68 26.13 16.63
C GLY B 131 13.35 25.53 17.06
N GLU B 132 12.72 26.17 18.05
CA GLU B 132 11.49 25.62 18.63
C GLU B 132 10.34 25.62 17.63
N ARG B 133 10.34 26.53 16.66
CA ARG B 133 9.24 26.59 15.71
C ARG B 133 9.37 25.58 14.57
N GLU B 134 10.53 24.92 14.42
CA GLU B 134 10.79 24.05 13.28
C GLU B 134 9.71 22.99 13.13
N ARG B 135 9.27 22.78 11.88
CA ARG B 135 8.21 21.82 11.54
C ARG B 135 8.82 20.45 11.25
N ARG B 136 8.35 19.43 11.98
CA ARG B 136 8.85 18.07 11.84
C ARG B 136 7.67 17.12 11.90
N PHE B 137 7.78 16.03 11.13
CA PHE B 137 6.76 15.00 11.14
C PHE B 137 6.84 14.16 12.41
N THR B 138 8.05 13.87 12.87
CA THR B 138 8.31 12.86 13.88
C THR B 138 9.12 13.42 15.03
N HIS B 139 9.30 12.61 16.06
CA HIS B 139 10.15 12.93 17.19
C HIS B 139 11.57 12.42 17.01
N PHE B 140 11.86 11.73 15.92
CA PHE B 140 13.16 11.10 15.73
C PHE B 140 14.26 12.12 15.47
N PRO B 141 15.40 12.01 16.16
CA PRO B 141 16.54 12.86 15.81
C PRO B 141 16.94 12.73 14.36
N ASP B 142 16.77 11.55 13.76
CA ASP B 142 17.20 11.35 12.37
C ASP B 142 16.49 12.28 11.38
N GLU B 143 15.29 12.77 11.71
CA GLU B 143 14.60 13.67 10.81
C GLU B 143 15.34 14.99 10.66
N ARG B 144 16.06 15.42 11.70
CA ARG B 144 16.97 16.56 11.59
C ARG B 144 17.99 16.40 10.48
N GLY B 145 18.33 15.17 10.08
CA GLY B 145 19.31 14.99 9.02
C GLY B 145 18.79 15.34 7.64
N LEU B 146 17.50 15.14 7.40
CA LEU B 146 16.92 15.53 6.13
C LEU B 146 16.77 17.04 6.05
N ILE B 147 16.17 17.62 7.08
CA ILE B 147 15.88 19.05 7.09
C ILE B 147 17.16 19.85 6.95
N GLU B 148 18.14 19.61 7.83
CA GLU B 148 19.41 20.32 7.74
C GLU B 148 20.05 20.12 6.37
N GLY B 149 20.03 18.88 5.88
CA GLY B 149 20.57 18.59 4.57
C GLY B 149 20.07 19.55 3.50
N VAL B 150 18.75 19.69 3.38
CA VAL B 150 18.18 20.55 2.34
C VAL B 150 18.27 22.02 2.74
N ARG B 151 18.18 22.34 4.03
CA ARG B 151 18.31 23.73 4.43
C ARG B 151 19.71 24.27 4.15
N ILE B 152 20.73 23.45 4.31
CA ILE B 152 22.08 23.86 3.96
C ILE B 152 22.28 23.86 2.44
N ALA B 153 21.83 22.80 1.77
CA ALA B 153 22.18 22.64 0.35
C ALA B 153 21.58 23.74 -0.51
N ILE B 154 20.34 24.15 -0.23
CA ILE B 154 19.57 24.87 -1.25
C ILE B 154 20.12 26.27 -1.49
N PRO B 155 20.36 27.10 -0.45
CA PRO B 155 20.90 28.44 -0.73
C PRO B 155 22.20 28.45 -1.52
N GLY B 156 23.12 27.53 -1.20
CA GLY B 156 24.38 27.50 -1.91
C GLY B 156 24.26 27.08 -3.36
N ILE B 157 23.40 26.10 -3.64
CA ILE B 157 23.11 25.72 -5.03
C ILE B 157 22.52 26.90 -5.79
N GLU B 158 21.62 27.66 -5.15
CA GLU B 158 20.99 28.80 -5.81
C GLU B 158 22.03 29.83 -6.23
N LEU B 159 22.97 30.16 -5.33
CA LEU B 159 24.04 31.09 -5.69
C LEU B 159 24.93 30.52 -6.77
N ALA B 160 25.18 29.20 -6.73
CA ALA B 160 25.99 28.58 -7.77
C ALA B 160 25.32 28.70 -9.12
N ILE B 161 23.99 28.58 -9.16
CA ILE B 161 23.26 28.76 -10.42
C ILE B 161 23.48 30.16 -10.97
N ARG B 162 23.37 31.17 -10.12
CA ARG B 162 23.61 32.55 -10.51
C ARG B 162 24.99 32.74 -11.10
N GLU B 163 25.98 32.05 -10.52
CA GLU B 163 27.36 32.22 -10.95
C GLU B 163 27.65 31.45 -12.22
N ILE B 164 27.17 30.20 -12.30
CA ILE B 164 27.40 29.41 -13.50
C ILE B 164 26.72 30.02 -14.71
N ASN B 165 25.59 30.70 -14.49
CA ASN B 165 24.89 31.38 -15.57
C ASN B 165 25.75 32.46 -16.23
N GLN B 166 26.55 33.16 -15.43
CA GLN B 166 27.39 34.23 -15.97
C GLN B 166 28.58 33.69 -16.75
N LEU B 167 28.94 32.41 -16.58
CA LEU B 167 30.07 31.84 -17.28
C LEU B 167 29.87 31.80 -18.78
N SER B 168 28.61 31.77 -19.22
CA SER B 168 28.30 31.73 -20.65
C SER B 168 28.93 32.91 -21.40
N ASN B 169 28.96 34.09 -20.78
CA ASN B 169 29.35 35.31 -21.47
C ASN B 169 30.76 35.79 -21.10
N LEU B 170 31.61 34.90 -20.59
CA LEU B 170 33.00 35.21 -20.29
C LEU B 170 33.89 34.21 -21.01
N SER B 171 35.10 34.65 -21.37
CA SER B 171 36.03 33.78 -22.07
C SER B 171 36.99 33.12 -21.08
N LEU B 172 37.51 31.96 -21.48
CA LEU B 172 38.44 31.24 -20.63
C LEU B 172 39.67 32.06 -20.28
N ASN B 173 40.09 32.96 -21.18
CA ASN B 173 41.26 33.81 -20.95
C ASN B 173 41.01 34.90 -19.92
N ASP B 174 39.78 35.12 -19.51
CA ASP B 174 39.44 36.19 -18.58
C ASP B 174 39.48 35.68 -17.14
N PRO B 175 40.27 36.31 -16.26
CA PRO B 175 40.32 35.84 -14.85
C PRO B 175 38.97 35.85 -14.15
N ALA B 176 38.05 36.72 -14.57
CA ALA B 176 36.72 36.76 -13.98
C ALA B 176 36.02 35.41 -14.09
N PHE B 177 36.23 34.71 -15.20
CA PHE B 177 35.68 33.37 -15.37
C PHE B 177 36.14 32.45 -14.25
N GLU B 178 37.46 32.23 -14.16
CA GLU B 178 38.01 31.35 -13.14
C GLU B 178 37.49 31.69 -11.75
N SER B 179 37.40 32.98 -11.42
CA SER B 179 36.95 33.38 -10.10
C SER B 179 35.48 33.06 -9.89
N LEU B 180 34.65 33.32 -10.89
CA LEU B 180 33.24 32.96 -10.81
C LEU B 180 33.05 31.47 -10.61
N ALA B 181 33.80 30.67 -11.38
CA ALA B 181 33.69 29.22 -11.32
C ALA B 181 34.18 28.67 -9.98
N LYS B 182 35.25 29.25 -9.43
CA LYS B 182 35.70 28.90 -8.10
C LYS B 182 34.67 29.29 -7.04
N SER B 183 34.05 30.47 -7.19
CA SER B 183 32.99 30.84 -6.26
C SER B 183 31.81 29.89 -6.34
N ALA B 184 31.45 29.45 -7.55
CA ALA B 184 30.39 28.46 -7.71
C ALA B 184 30.77 27.14 -7.05
N ALA B 185 31.99 26.66 -7.32
CA ALA B 185 32.48 25.44 -6.66
C ALA B 185 32.35 25.55 -5.16
N LEU B 186 32.75 26.68 -4.60
CA LEU B 186 32.63 26.89 -3.16
C LEU B 186 31.17 26.86 -2.70
N HIS B 187 30.25 27.36 -3.53
CA HIS B 187 28.84 27.38 -3.14
C HIS B 187 28.19 26.00 -3.24
N VAL B 188 28.55 25.22 -4.26
CA VAL B 188 28.11 23.84 -4.35
C VAL B 188 28.57 23.05 -3.14
N TYR B 189 29.67 23.46 -2.51
CA TYR B 189 30.14 22.72 -1.35
C TYR B 189 29.10 22.73 -0.23
N GLN B 190 28.20 23.71 -0.21
CA GLN B 190 27.09 23.67 0.74
C GLN B 190 26.26 22.39 0.55
N ALA B 191 26.07 21.97 -0.70
CA ALA B 191 25.40 20.69 -0.92
C ALA B 191 26.19 19.56 -0.28
N VAL B 192 27.52 19.56 -0.47
CA VAL B 192 28.35 18.54 0.13
C VAL B 192 28.22 18.58 1.66
N ASP B 193 28.28 19.78 2.24
CA ASP B 193 28.13 19.87 3.69
C ASP B 193 26.78 19.34 4.13
N GLY B 194 25.73 19.65 3.37
CA GLY B 194 24.38 19.25 3.77
C GLY B 194 24.17 17.75 3.74
N ILE B 195 24.61 17.08 2.67
CA ILE B 195 24.49 15.63 2.66
C ILE B 195 25.38 15.02 3.74
N GLY B 196 26.54 15.64 4.02
CA GLY B 196 27.34 15.19 5.15
C GLY B 196 26.56 15.17 6.46
N GLU B 197 25.84 16.26 6.74
CA GLU B 197 24.99 16.32 7.93
C GLU B 197 23.94 15.20 7.93
N THR B 198 23.46 14.78 6.76
CA THR B 198 22.47 13.71 6.71
C THR B 198 23.12 12.37 7.03
N ILE B 199 24.27 12.10 6.42
CA ILE B 199 24.99 10.86 6.72
C ILE B 199 25.32 10.78 8.20
N LYS B 200 25.68 11.90 8.81
CA LYS B 200 25.99 11.92 10.23
C LYS B 200 24.77 11.64 11.09
N LYS B 201 23.60 12.16 10.70
CA LYS B 201 22.48 12.21 11.64
C LYS B 201 21.34 11.26 11.32
N THR B 202 21.26 10.71 10.11
CA THR B 202 20.09 9.95 9.69
C THR B 202 20.45 8.49 9.52
N ASP B 203 19.88 7.64 10.36
CA ASP B 203 20.07 6.20 10.24
C ASP B 203 19.23 5.64 9.10
N PRO B 204 19.84 4.91 8.16
CA PRO B 204 19.08 4.40 7.02
C PRO B 204 17.82 3.63 7.39
N TYR B 205 17.90 2.74 8.38
CA TYR B 205 16.74 1.93 8.75
C TYR B 205 15.63 2.80 9.32
N VAL B 206 15.97 3.73 10.23
CA VAL B 206 15.00 4.69 10.73
C VAL B 206 14.35 5.47 9.57
N PHE B 207 15.15 5.87 8.59
CA PHE B 207 14.59 6.65 7.48
C PHE B 207 13.51 5.87 6.75
N SER B 208 13.86 4.66 6.29
CA SER B 208 12.92 3.85 5.50
C SER B 208 11.67 3.54 6.31
N HIS B 209 11.81 3.37 7.61
CA HIS B 209 10.71 2.86 8.43
C HIS B 209 9.89 3.97 9.06
N GLU B 210 10.52 5.08 9.42
CA GLU B 210 9.85 6.13 10.16
C GLU B 210 9.64 7.42 9.38
N LEU B 211 10.45 7.72 8.35
CA LEU B 211 10.42 9.02 7.69
C LEU B 211 9.93 8.96 6.25
N ARG B 212 10.44 8.03 5.46
CA ARG B 212 10.01 7.87 4.08
C ARG B 212 8.49 7.90 3.87
N PRO B 213 7.65 7.23 4.68
CA PRO B 213 6.20 7.26 4.41
C PRO B 213 5.58 8.65 4.46
N PHE B 214 6.27 9.64 5.02
CA PHE B 214 5.71 10.98 5.07
C PHE B 214 5.88 11.72 3.76
N PHE B 215 6.47 11.10 2.75
CA PHE B 215 6.81 11.76 1.51
C PHE B 215 6.16 11.09 0.31
N ASP B 216 4.90 10.63 0.48
CA ASP B 216 4.21 9.93 -0.61
C ASP B 216 3.36 10.89 -1.44
N PRO B 217 2.97 10.50 -2.65
CA PRO B 217 2.22 11.41 -3.53
C PRO B 217 0.82 11.69 -3.05
N ILE B 218 0.37 12.92 -3.30
CA ILE B 218 -0.96 13.38 -2.91
C ILE B 218 -1.75 13.79 -4.16
N ARG B 219 -3.01 13.35 -4.25
CA ARG B 219 -3.89 13.64 -5.37
C ARG B 219 -4.65 14.94 -5.11
N ILE B 220 -4.45 15.92 -5.99
CA ILE B 220 -4.98 17.27 -5.86
C ILE B 220 -5.44 17.73 -7.24
N GLY B 221 -6.71 18.13 -7.34
CA GLY B 221 -7.22 18.65 -8.58
C GLY B 221 -6.96 17.79 -9.81
N GLY B 222 -7.21 16.48 -9.69
CA GLY B 222 -7.02 15.56 -10.79
C GLY B 222 -5.61 15.09 -11.05
N LYS B 223 -4.61 15.69 -10.40
CA LYS B 223 -3.20 15.35 -10.61
C LYS B 223 -2.56 14.84 -9.32
N SER B 224 -1.53 14.02 -9.49
CA SER B 224 -0.75 13.48 -8.39
C SER B 224 0.54 14.30 -8.22
N TYR B 225 0.80 14.76 -7.00
CA TYR B 225 1.99 15.56 -6.70
C TYR B 225 2.90 14.79 -5.74
N ILE B 226 4.14 14.53 -6.17
CA ILE B 226 5.07 13.81 -5.30
C ILE B 226 5.38 14.65 -4.06
N GLY B 227 5.82 13.94 -3.01
CA GLY B 227 6.23 14.61 -1.79
C GLY B 227 7.62 15.18 -1.89
N ALA B 228 7.99 15.97 -0.88
CA ALA B 228 9.28 16.63 -0.88
C ALA B 228 10.40 15.60 -0.95
N GLY B 229 11.42 15.91 -1.73
CA GLY B 229 12.54 14.99 -1.91
C GLY B 229 13.82 15.78 -2.08
N GLY B 230 14.93 15.17 -1.66
CA GLY B 230 16.23 15.81 -1.85
C GLY B 230 16.47 16.22 -3.29
N GLY B 231 16.02 15.39 -4.25
CA GLY B 231 16.14 15.70 -5.67
C GLY B 231 15.47 16.99 -6.10
N GLN B 232 14.64 17.58 -5.25
CA GLN B 232 14.03 18.87 -5.55
C GLN B 232 14.96 20.05 -5.27
N ILE B 233 16.09 19.81 -4.59
CA ILE B 233 17.12 20.88 -4.57
C ILE B 233 17.56 21.12 -6.01
N PRO B 234 17.80 22.35 -6.41
CA PRO B 234 17.94 22.62 -7.85
C PRO B 234 19.34 22.34 -8.36
N LEU B 235 19.99 21.34 -7.76
CA LEU B 235 21.22 20.80 -8.31
C LEU B 235 21.07 20.49 -9.78
N PHE B 236 19.93 19.89 -10.16
CA PHE B 236 19.73 19.58 -11.58
C PHE B 236 19.70 20.85 -12.44
N VAL B 237 19.39 22.01 -11.86
CA VAL B 237 19.53 23.24 -12.65
C VAL B 237 21.01 23.55 -12.91
N VAL B 238 21.87 23.32 -11.90
CA VAL B 238 23.31 23.40 -12.14
C VAL B 238 23.72 22.45 -13.27
N ASP B 239 23.20 21.22 -13.22
CA ASP B 239 23.58 20.19 -14.19
C ASP B 239 23.25 20.64 -15.62
N VAL B 240 22.05 21.20 -15.82
CA VAL B 240 21.60 21.48 -17.18
C VAL B 240 22.40 22.63 -17.78
N LYS B 241 22.64 23.68 -17.00
CA LYS B 241 23.43 24.79 -17.50
C LYS B 241 24.88 24.37 -17.74
N LEU B 242 25.43 23.56 -16.83
CA LEU B 242 26.86 23.29 -16.82
C LEU B 242 27.27 22.22 -17.83
N TRP B 243 26.60 21.07 -17.84
CA TRP B 243 27.08 20.00 -18.72
C TRP B 243 26.00 19.29 -19.51
N LEU B 244 24.76 19.19 -19.04
CA LEU B 244 23.77 18.39 -19.77
C LEU B 244 23.27 19.12 -21.01
N GLY B 245 22.83 20.36 -20.86
CA GLY B 245 22.39 21.16 -22.00
C GLY B 245 21.27 20.50 -22.79
N ASN B 246 21.41 20.52 -24.12
CA ASN B 246 20.47 19.89 -25.06
C ASN B 246 21.12 18.74 -25.82
N HIS B 247 22.04 18.03 -25.17
CA HIS B 247 22.87 17.03 -25.82
C HIS B 247 22.36 15.60 -25.71
N SER B 248 21.39 15.32 -24.83
CA SER B 248 20.90 13.96 -24.62
C SER B 248 19.38 13.95 -24.55
N PRO B 249 18.71 14.22 -25.67
CA PRO B 249 17.27 14.56 -25.63
C PRO B 249 16.36 13.54 -24.97
N ASN B 250 16.68 12.24 -25.02
CA ASN B 250 15.74 11.23 -24.55
C ASN B 250 16.21 10.46 -23.33
N SER B 251 17.31 10.88 -22.69
CA SER B 251 17.75 10.22 -21.47
C SER B 251 16.68 10.34 -20.38
N GLU B 252 16.74 9.41 -19.44
CA GLU B 252 15.81 9.44 -18.32
C GLU B 252 16.07 10.63 -17.40
N TYR B 253 17.28 11.21 -17.41
CA TYR B 253 17.54 12.38 -16.60
C TYR B 253 16.80 13.61 -17.13
N VAL B 254 16.75 13.78 -18.44
CA VAL B 254 15.92 14.83 -19.02
C VAL B 254 14.47 14.64 -18.62
N SER B 255 14.02 13.38 -18.57
CA SER B 255 12.64 13.08 -18.23
C SER B 255 12.33 13.51 -16.80
N PHE B 256 13.26 13.24 -15.88
CA PHE B 256 13.09 13.66 -14.49
C PHE B 256 13.14 15.18 -14.38
N ILE B 257 14.02 15.81 -15.14
CA ILE B 257 14.13 17.27 -15.11
C ILE B 257 12.84 17.90 -15.62
N LYS B 258 12.35 17.43 -16.76
CA LYS B 258 11.09 17.91 -17.32
C LYS B 258 9.96 17.81 -16.30
N ASP B 259 9.91 16.72 -15.54
CA ASP B 259 8.91 16.57 -14.49
C ASP B 259 9.18 17.46 -13.30
N SER B 260 10.38 18.03 -13.19
CA SER B 260 10.75 18.80 -12.02
C SER B 260 10.56 20.30 -12.19
N VAL B 261 10.54 20.77 -13.45
CA VAL B 261 10.61 22.20 -13.75
C VAL B 261 9.59 22.97 -12.93
N PHE B 262 8.34 22.54 -12.98
CA PHE B 262 7.29 23.35 -12.40
C PHE B 262 7.13 23.12 -10.91
N TYR B 263 7.98 22.26 -10.32
CA TYR B 263 8.10 22.17 -8.87
C TYR B 263 9.01 23.26 -8.32
N LEU B 264 10.02 23.67 -9.07
CA LEU B 264 10.89 24.78 -8.71
C LEU B 264 10.10 26.05 -8.44
N PRO B 265 10.59 26.90 -7.54
CA PRO B 265 10.09 28.28 -7.43
C PRO B 265 10.09 28.99 -8.78
N PRO B 266 9.09 29.85 -9.05
CA PRO B 266 8.99 30.47 -10.38
C PRO B 266 10.28 31.15 -10.82
N GLU B 267 10.99 31.81 -9.90
CA GLU B 267 12.19 32.56 -10.28
C GLU B 267 13.22 31.68 -11.03
N LEU B 268 13.21 30.35 -10.86
CA LEU B 268 14.21 29.45 -11.45
C LEU B 268 13.78 28.75 -12.75
N ARG B 269 12.51 28.82 -13.14
CA ARG B 269 12.08 28.04 -14.31
C ARG B 269 12.68 28.52 -15.63
N PRO B 270 12.80 29.83 -15.88
CA PRO B 270 13.43 30.26 -17.15
C PRO B 270 14.86 29.80 -17.36
N ILE B 271 15.72 29.93 -16.34
CA ILE B 271 17.09 29.42 -16.46
C ILE B 271 17.08 27.95 -16.81
N CYS B 272 16.16 27.20 -16.19
CA CYS B 272 16.14 25.76 -16.42
C CYS B 272 15.64 25.44 -17.82
N VAL B 273 14.61 26.15 -18.30
CA VAL B 273 14.08 25.92 -19.66
C VAL B 273 15.06 26.41 -20.72
N ASP B 274 15.57 27.64 -20.58
CA ASP B 274 16.64 28.13 -21.45
C ASP B 274 17.76 27.10 -21.61
N SER B 275 18.25 26.56 -20.49
CA SER B 275 19.43 25.68 -20.54
C SER B 275 19.10 24.35 -21.18
N LEU B 276 17.88 23.85 -21.01
CA LEU B 276 17.48 22.61 -21.67
C LEU B 276 17.49 22.73 -23.18
N LEU B 277 17.46 23.95 -23.71
CA LEU B 277 17.30 24.20 -25.13
C LEU B 277 18.53 24.86 -25.75
N GLU B 278 19.70 24.70 -25.11
CA GLU B 278 20.92 25.42 -25.45
C GLU B 278 22.11 24.54 -25.15
N PRO B 279 23.23 24.73 -25.87
CA PRO B 279 24.45 24.00 -25.51
C PRO B 279 24.92 24.36 -24.11
N SER B 280 25.51 23.39 -23.42
CA SER B 280 25.99 23.61 -22.07
C SER B 280 27.23 24.51 -22.05
N VAL B 281 27.54 25.03 -20.87
CA VAL B 281 28.75 25.81 -20.67
C VAL B 281 29.99 25.00 -21.03
N ILE B 282 30.05 23.73 -20.62
CA ILE B 282 31.25 22.94 -20.88
C ILE B 282 31.35 22.58 -22.36
N ASN B 283 30.22 22.23 -22.99
CA ASN B 283 30.21 22.08 -24.44
C ASN B 283 30.69 23.36 -25.14
N GLN B 284 30.29 24.52 -24.62
CA GLN B 284 30.70 25.79 -25.23
C GLN B 284 32.17 26.10 -24.96
N LYS B 285 32.65 25.80 -23.75
CA LYS B 285 34.05 26.04 -23.43
C LYS B 285 34.98 24.99 -24.01
N PHE B 286 34.47 23.80 -24.34
CA PHE B 286 35.28 22.83 -25.07
C PHE B 286 35.59 23.33 -26.48
N ALA B 287 34.62 23.98 -27.12
CA ALA B 287 34.83 24.50 -28.48
C ALA B 287 35.79 25.69 -28.47
N GLU B 288 35.68 26.54 -27.46
CA GLU B 288 36.56 27.70 -27.37
C GLU B 288 37.98 27.29 -26.99
N PHE B 289 38.13 26.28 -26.13
CA PHE B 289 39.46 25.77 -25.80
C PHE B 289 40.19 25.26 -27.05
N GLY B 290 39.50 24.47 -27.86
CA GLY B 290 40.08 23.95 -29.08
C GLY B 290 40.16 24.92 -30.23
N SER B 291 40.02 26.23 -29.97
CA SER B 291 40.08 27.22 -31.04
C SER B 291 40.74 28.54 -30.66
N VAL B 292 41.23 28.72 -29.45
CA VAL B 292 41.83 29.98 -29.04
C VAL B 292 43.26 29.73 -28.56
N GLU B 293 43.97 30.82 -28.30
CA GLU B 293 45.34 30.73 -27.81
C GLU B 293 45.30 30.25 -26.36
N ILE B 294 45.82 29.05 -26.12
CA ILE B 294 45.80 28.45 -24.79
C ILE B 294 46.85 29.16 -23.95
N THR B 295 46.44 30.16 -23.18
CA THR B 295 47.34 30.82 -22.24
C THR B 295 47.29 30.13 -20.89
N ASP B 296 48.05 30.67 -19.94
CA ASP B 296 48.01 30.13 -18.59
C ASP B 296 46.63 30.33 -17.97
N GLN B 297 46.02 31.49 -18.24
CA GLN B 297 44.67 31.77 -17.73
C GLN B 297 43.65 30.85 -18.38
N VAL B 298 43.82 30.53 -19.67
CA VAL B 298 42.88 29.64 -20.35
C VAL B 298 42.83 28.30 -19.64
N ILE B 299 44.00 27.75 -19.30
CA ILE B 299 44.07 26.49 -18.55
C ILE B 299 43.40 26.66 -17.19
N LYS B 300 43.76 27.71 -16.46
CA LYS B 300 43.16 27.94 -15.15
C LYS B 300 41.65 28.03 -15.26
N GLY B 301 41.14 28.72 -16.29
CA GLY B 301 39.71 28.79 -16.50
C GLY B 301 39.10 27.42 -16.73
N MET B 302 39.77 26.60 -17.55
CA MET B 302 39.25 25.27 -17.82
C MET B 302 39.36 24.39 -16.59
N GLU B 303 40.41 24.57 -15.78
CA GLU B 303 40.50 23.79 -14.55
C GLU B 303 39.46 24.22 -13.52
N SER B 304 38.95 25.44 -13.60
CA SER B 304 37.91 25.84 -12.67
C SER B 304 36.57 25.19 -13.00
N LEU B 305 36.36 24.77 -14.26
CA LEU B 305 35.19 23.98 -14.59
C LEU B 305 35.32 22.57 -14.04
N LEU B 306 36.51 21.98 -14.16
CA LEU B 306 36.74 20.66 -13.55
C LEU B 306 36.56 20.72 -12.04
N SER B 307 36.92 21.84 -11.42
CA SER B 307 36.72 21.99 -9.98
C SER B 307 35.23 21.92 -9.61
N VAL B 308 34.35 22.48 -10.44
CA VAL B 308 32.93 22.45 -10.10
C VAL B 308 32.38 21.03 -10.24
N ILE B 309 32.70 20.39 -11.38
CA ILE B 309 32.30 19.00 -11.59
C ILE B 309 32.77 18.13 -10.44
N GLN B 310 33.98 18.35 -9.95
CA GLN B 310 34.48 17.51 -8.86
C GLN B 310 33.81 17.81 -7.54
N VAL B 311 33.25 19.01 -7.36
CA VAL B 311 32.45 19.25 -6.16
C VAL B 311 31.11 18.53 -6.27
N LEU B 312 30.56 18.40 -7.48
CA LEU B 312 29.34 17.62 -7.64
C LEU B 312 29.57 16.15 -7.29
N LEU B 313 30.75 15.61 -7.66
CA LEU B 313 31.05 14.23 -7.32
C LEU B 313 31.17 14.04 -5.82
N LYS B 314 31.79 14.99 -5.13
CA LYS B 314 31.85 14.90 -3.68
C LYS B 314 30.46 14.95 -3.05
N PHE B 315 29.45 15.42 -3.78
CA PHE B 315 28.07 15.25 -3.32
C PHE B 315 27.54 13.87 -3.70
N ARG B 316 27.63 13.51 -4.99
CA ARG B 316 26.89 12.37 -5.50
C ARG B 316 27.47 11.03 -5.03
N LYS B 317 28.79 10.94 -4.76
CA LYS B 317 29.35 9.67 -4.34
C LYS B 317 28.81 9.25 -2.96
N PRO B 318 29.01 10.01 -1.89
CA PRO B 318 28.43 9.59 -0.61
C PRO B 318 26.91 9.54 -0.62
N HIS B 319 26.24 10.37 -1.45
CA HIS B 319 24.79 10.30 -1.53
C HIS B 319 24.34 8.98 -2.11
N PHE B 320 25.02 8.51 -3.17
CA PHE B 320 24.75 7.19 -3.70
C PHE B 320 24.95 6.11 -2.63
N GLN B 321 26.02 6.23 -1.83
CA GLN B 321 26.27 5.25 -0.77
C GLN B 321 25.15 5.25 0.27
N LEU B 322 24.69 6.45 0.63
CA LEU B 322 23.60 6.57 1.60
C LEU B 322 22.30 5.97 1.06
N ALA B 323 21.97 6.22 -0.20
CA ALA B 323 20.78 5.62 -0.77
C ALA B 323 20.92 4.12 -0.92
N GLN B 324 22.14 3.64 -1.18
CA GLN B 324 22.35 2.20 -1.29
C GLN B 324 22.12 1.50 0.04
N ARG B 325 22.65 2.05 1.14
CA ARG B 325 22.46 1.47 2.46
C ARG B 325 21.00 1.52 2.92
N THR B 326 20.21 2.46 2.40
CA THR B 326 18.83 2.67 2.80
C THR B 326 17.86 1.76 2.07
N LEU B 327 18.18 1.41 0.83
CA LEU B 327 17.30 0.62 -0.03
C LEU B 327 17.65 -0.85 -0.05
N SER B 328 18.68 -1.27 0.69
CA SER B 328 19.02 -2.67 0.77
C SER B 328 17.89 -3.45 1.45
N LYS B 329 17.81 -4.74 1.13
CA LYS B 329 16.72 -5.56 1.69
C LYS B 329 16.64 -5.45 3.21
N GLU B 330 17.79 -5.30 3.88
CA GLU B 330 17.82 -5.22 5.33
C GLU B 330 17.18 -3.95 5.86
N ASN B 331 17.30 -2.83 5.14
CA ASN B 331 16.96 -1.53 5.70
C ASN B 331 15.75 -0.86 5.04
N ARG B 332 15.28 -1.35 3.89
CA ARG B 332 14.41 -0.60 2.98
C ARG B 332 12.95 -0.50 3.42
N GLY B 333 12.50 -1.31 4.39
CA GLY B 333 11.12 -1.22 4.81
C GLY B 333 10.17 -1.50 3.66
N ASN B 334 9.13 -0.67 3.55
CA ASN B 334 8.09 -0.92 2.57
C ASN B 334 8.34 -0.24 1.24
N TYR B 335 9.54 0.27 0.98
CA TYR B 335 9.79 1.05 -0.21
C TYR B 335 10.97 0.50 -1.00
N THR B 336 10.88 0.63 -2.32
CA THR B 336 12.03 0.42 -3.21
C THR B 336 12.47 1.71 -3.91
N THR B 337 11.83 2.85 -3.64
CA THR B 337 12.05 4.06 -4.42
C THR B 337 12.14 5.25 -3.48
N GLY B 338 12.64 6.34 -4.03
CA GLY B 338 12.50 7.62 -3.36
C GLY B 338 11.15 8.24 -3.65
N SER B 339 10.90 9.36 -2.99
CA SER B 339 9.64 10.08 -3.18
C SER B 339 9.39 10.45 -4.65
N ALA B 340 10.41 10.50 -5.49
CA ALA B 340 10.17 10.84 -6.88
C ALA B 340 9.93 9.60 -7.72
N GLY B 341 9.96 8.42 -7.11
CA GLY B 341 9.61 7.18 -7.78
C GLY B 341 10.75 6.45 -8.47
N TYR B 342 12.00 6.75 -8.13
CA TYR B 342 13.14 6.10 -8.77
C TYR B 342 13.87 5.19 -7.79
N THR B 343 14.66 4.26 -8.33
CA THR B 343 15.56 3.48 -7.50
C THR B 343 16.93 4.14 -7.53
N ASN B 344 17.86 3.56 -6.76
CA ASN B 344 19.24 4.07 -6.72
C ASN B 344 19.91 3.96 -8.07
N SER B 345 19.41 3.07 -8.93
CA SER B 345 19.81 3.06 -10.34
C SER B 345 19.71 4.45 -10.97
N PHE B 346 18.77 5.30 -10.52
CA PHE B 346 18.71 6.67 -11.04
C PHE B 346 19.93 7.47 -10.60
N ASN B 347 20.26 7.43 -9.32
CA ASN B 347 21.42 8.14 -8.81
C ASN B 347 22.70 7.66 -9.49
N HIS B 348 22.77 6.35 -9.75
CA HIS B 348 23.93 5.82 -10.45
C HIS B 348 24.10 6.44 -11.82
N MET B 349 23.00 6.63 -12.55
CA MET B 349 23.10 7.18 -13.89
C MET B 349 23.53 8.64 -13.87
N VAL B 350 23.02 9.44 -12.94
CA VAL B 350 23.45 10.83 -12.83
C VAL B 350 24.90 10.90 -12.40
N LEU B 351 25.34 9.97 -11.54
CA LEU B 351 26.74 9.92 -11.12
C LEU B 351 27.67 9.58 -12.27
N GLU B 352 27.29 8.60 -13.10
CA GLU B 352 28.13 8.21 -14.24
C GLU B 352 28.26 9.35 -15.24
N PHE B 353 27.14 10.01 -15.57
CA PHE B 353 27.17 11.20 -16.43
C PHE B 353 28.16 12.22 -15.90
N THR B 354 28.20 12.40 -14.58
CA THR B 354 29.10 13.38 -13.99
C THR B 354 30.54 12.89 -14.00
N ILE B 355 30.76 11.58 -13.84
CA ILE B 355 32.11 11.02 -13.92
C ILE B 355 32.64 11.09 -15.35
N GLU B 356 31.79 10.80 -16.34
CA GLU B 356 32.19 10.97 -17.73
C GLU B 356 32.47 12.43 -18.09
N VAL B 357 31.76 13.39 -17.49
CA VAL B 357 32.08 14.79 -17.76
C VAL B 357 33.46 15.12 -17.20
N GLU B 358 33.76 14.60 -16.01
CA GLU B 358 35.08 14.82 -15.43
C GLU B 358 36.17 14.21 -16.30
N LYS B 359 35.92 13.01 -16.83
CA LYS B 359 36.88 12.37 -17.72
C LYS B 359 37.16 13.26 -18.93
N GLN B 360 36.11 13.82 -19.54
CA GLN B 360 36.30 14.62 -20.75
C GLN B 360 37.13 15.85 -20.49
N ILE B 361 36.86 16.55 -19.38
CA ILE B 361 37.63 17.75 -19.07
C ILE B 361 39.08 17.39 -18.80
N ARG B 362 39.30 16.33 -18.02
CA ARG B 362 40.65 15.83 -17.82
C ARG B 362 41.34 15.50 -19.14
N ALA B 363 40.59 14.88 -20.06
CA ALA B 363 41.19 14.54 -21.36
C ALA B 363 41.64 15.79 -22.10
N VAL B 364 40.81 16.84 -22.10
CA VAL B 364 41.12 18.04 -22.87
C VAL B 364 42.30 18.80 -22.25
N LEU B 365 42.38 18.82 -20.92
CA LEU B 365 43.50 19.46 -20.23
C LEU B 365 44.79 18.64 -20.31
N ALA B 366 44.73 17.39 -20.76
CA ALA B 366 45.87 16.48 -20.62
C ALA B 366 47.13 16.98 -21.32
N PRO B 367 47.11 17.43 -22.60
CA PRO B 367 48.36 17.86 -23.24
C PRO B 367 48.90 19.16 -22.68
N TYR B 368 48.58 19.49 -21.44
CA TYR B 368 48.97 20.77 -20.89
C TYR B 368 49.33 20.67 -19.41
#